data_9D3R
#
_entry.id   9D3R
#
_cell.length_a   1.00
_cell.length_b   1.00
_cell.length_c   1.00
_cell.angle_alpha   90.00
_cell.angle_beta   90.00
_cell.angle_gamma   90.00
#
_symmetry.space_group_name_H-M   'P 1'
#
loop_
_entity.id
_entity.type
_entity.pdbx_description
1 polymer 'Histone H3.2'
2 polymer 'Histone H4'
3 polymer 'Histone H2B type 1-K'
4 polymer '5S rDNA (noncoding strand)'
5 polymer '5S rDNA (coding strand)'
6 polymer 'Histone H2A type 2-A'
#
loop_
_entity_poly.entity_id
_entity_poly.type
_entity_poly.pdbx_seq_one_letter_code
_entity_poly.pdbx_strand_id
1 'polypeptide(L)'
;HRYRPGTVALREIRRYQKSTELLIRKLPFQRLVREIAQDFKTDLRFQSSAVMALQEASEAYLVGLFEDTNLCAIHAKRVT
IMPKDIQLARRIRGERA
;
A,E
2 'polypeptide(L)'
;VLRDNIQGITKPAIRRLARRGGVKRISGLIYEETRGVLKVFLENVIRDAVTYTEHAKRKTVTAMDVVYALKRQGRTLYGF
GG
;
B,F
3 'polypeptide(L)'
;RKRSRKESYSVYVYKVLKQVHPDTGISSKAMGIMNSFVNDIFERIAGEASRLAHYNKRSTITSREIQTAVRLLLPGELAK
HAVSEGTKAVTKYTSA
;
D,H
4 'polydeoxyribonucleotide'
;(DC)(DT)(DT)(DG)(DT)(DT)(DT)(DT)(DC)(DC)(DT)(DG)(DC)(DC)(DT)(DG)(DG)(DG)(DG)(DG)
(DA)(DA)(DA)(DA)(DG)(DA)(DC)(DC)(DC)(DT)(DG)(DG)(DC)(DA)(DT)(DG)(DG)(DG)(DG)(DA)
(DG)(DG)(DA)(DG)(DC)(DT)(DG)(DG)(DG)(DC)(DC)(DC)(DC)(DC)(DC)(DC)(DC)(DA)(DG)(DA)
(DA)(DG)(DG)(DC)(DA)(DG)(DC)(DA)(DC)(DA)(DA)(DG)(DG)(DG)(DG)(DA)(DG)(DG)(DA)(DA)
(DA)(DA)(DG)(DT)(DC)(DA)(DG)(DC)(DC)(DT)(DT)(DG)(DT)(DG)(DC)(DT)(DC)(DG)(DC)(DC)
(DT)(DA)(DC)(DG)(DG)(DC)(DC)(DA)(DT)(DA)(DC)(DC)(DA)(DC)(DC)(DC)(DT)(DG)(DA)(DA)
(DA)(DG)(DT)(DG)(DC)(DC)(DC)(DG)(DA)(DT)(DA)(DT)(DC)(DG)(DT)(DC)(DT)(DG)(DA)(DT)
(DC)(DT)(DC)(DG)(DG)
;
I
5 'polydeoxyribonucleotide'
;(DC)(DC)(DG)(DA)(DG)(DA)(DT)(DC)(DA)(DG)(DA)(DC)(DG)(DA)(DT)(DA)(DT)(DC)(DG)(DG)
(DG)(DC)(DA)(DC)(DT)(DT)(DT)(DC)(DA)(DG)(DG)(DG)(DT)(DG)(DG)(DT)(DA)(DT)(DG)(DG)
(DC)(DC)(DG)(DT)(DA)(DG)(DG)(DC)(DG)(DA)(DG)(DC)(DA)(DC)(DA)(DA)(DG)(DG)(DC)(DT)
(DG)(DA)(DC)(DT)(DT)(DT)(DT)(DC)(DC)(DT)(DC)(DC)(DC)(DC)(DT)(DT)(DG)(DT)(DG)(DC)
(DT)(DG)(DC)(DC)(DT)(DT)(DC)(DT)(DG)(DG)(DG)(DG)(DG)(DG)(DG)(DG)(DC)(DC)(DC)(DA)
(DG)(DC)(DT)(DC)(DC)(DT)(DC)(DC)(DC)(DC)(DA)(DT)(DG)(DC)(DC)(DA)(DG)(DG)(DG)(DT)
(DC)(DT)(DT)(DT)(DT)(DC)(DC)(DC)(DC)(DC)(DA)(DG)(DG)(DC)(DA)(DG)(DG)(DA)(DA)(DA)
(DA)(DC)(DA)(DA)(DG)
;
J
6 'polypeptide(L)'
;KSRSSRAGLQFPVGRVHRLLRKGNYAERVGAGAPVYMAAVLEYLTAEILELAGNAARDNKKTRIIPRHLQLAIRNDEELN
KLLGKVTIAQGGVLPNIQAVLLPK
;
C,G
#
loop_
_chem_comp.id
_chem_comp.type
_chem_comp.name
_chem_comp.formula
DA DNA linking 2'-DEOXYADENOSINE-5'-MONOPHOSPHATE 'C10 H14 N5 O6 P'
DC DNA linking 2'-DEOXYCYTIDINE-5'-MONOPHOSPHATE 'C9 H14 N3 O7 P'
DG DNA linking 2'-DEOXYGUANOSINE-5'-MONOPHOSPHATE 'C10 H14 N5 O7 P'
DT DNA linking THYMIDINE-5'-MONOPHOSPHATE 'C10 H15 N2 O8 P'
#
# COMPACT_ATOMS: atom_id res chain seq x y z
N HIS A 1 -47.64 22.62 -6.48
CA HIS A 1 -47.09 21.56 -5.63
C HIS A 1 -45.57 21.64 -5.56
N ARG A 2 -45.04 21.50 -4.35
CA ARG A 2 -43.61 21.49 -4.12
C ARG A 2 -43.24 20.24 -3.32
N TYR A 3 -41.99 19.81 -3.48
CA TYR A 3 -41.50 18.62 -2.80
C TYR A 3 -40.85 18.99 -1.48
N ARG A 4 -40.93 18.08 -0.52
CA ARG A 4 -40.31 18.30 0.77
C ARG A 4 -38.80 18.36 0.62
N PRO A 5 -38.10 19.19 1.41
CA PRO A 5 -36.64 19.26 1.29
C PRO A 5 -35.96 17.97 1.70
N GLY A 6 -35.38 17.27 0.73
CA GLY A 6 -34.73 16.00 0.99
C GLY A 6 -35.19 14.89 0.07
N THR A 7 -36.46 14.94 -0.34
CA THR A 7 -37.02 13.94 -1.24
C THR A 7 -36.46 14.07 -2.66
N VAL A 8 -36.13 15.29 -3.10
CA VAL A 8 -35.36 15.47 -4.33
C VAL A 8 -33.93 14.97 -4.17
N ALA A 9 -33.30 15.21 -3.02
CA ALA A 9 -31.94 14.75 -2.78
C ALA A 9 -31.84 13.22 -2.83
N LEU A 10 -32.77 12.53 -2.18
CA LEU A 10 -32.74 11.07 -2.20
C LEU A 10 -32.97 10.53 -3.60
N ARG A 11 -33.89 11.14 -4.36
CA ARG A 11 -34.13 10.69 -5.73
C ARG A 11 -32.89 10.92 -6.60
N GLU A 12 -32.21 12.05 -6.42
CA GLU A 12 -30.94 12.28 -7.10
C GLU A 12 -29.87 11.29 -6.69
N ILE A 13 -29.88 10.85 -5.43
CA ILE A 13 -28.94 9.82 -4.99
C ILE A 13 -29.20 8.51 -5.74
N ARG A 14 -30.46 8.08 -5.76
CA ARG A 14 -30.79 6.80 -6.39
C ARG A 14 -30.56 6.84 -7.90
N ARG A 15 -31.02 7.90 -8.56
CA ARG A 15 -30.90 8.01 -10.01
C ARG A 15 -29.45 7.99 -10.45
N TYR A 16 -28.54 8.47 -9.60
CA TYR A 16 -27.13 8.53 -9.95
C TYR A 16 -26.38 7.28 -9.55
N GLN A 17 -26.75 6.65 -8.44
CA GLN A 17 -26.14 5.38 -8.09
C GLN A 17 -26.55 4.28 -9.06
N LYS A 18 -27.74 4.38 -9.66
CA LYS A 18 -28.10 3.39 -10.66
C LYS A 18 -27.45 3.66 -12.01
N SER A 19 -26.90 4.86 -12.21
CA SER A 19 -26.29 5.25 -13.48
C SER A 19 -24.78 5.13 -13.39
N THR A 20 -24.12 5.35 -14.53
CA THR A 20 -22.67 5.17 -14.62
C THR A 20 -21.98 6.24 -15.45
N GLU A 21 -22.63 7.35 -15.77
CA GLU A 21 -22.00 8.36 -16.61
C GLU A 21 -20.91 9.08 -15.83
N LEU A 22 -20.09 9.84 -16.55
CA LEU A 22 -19.11 10.69 -15.92
C LEU A 22 -19.78 12.00 -15.48
N LEU A 23 -19.83 12.21 -14.17
CA LEU A 23 -20.69 13.23 -13.59
C LEU A 23 -20.13 14.64 -13.71
N ILE A 24 -18.87 14.80 -14.10
CA ILE A 24 -18.25 16.11 -14.24
C ILE A 24 -18.24 16.50 -15.72
N ARG A 25 -18.10 17.79 -15.97
CA ARG A 25 -18.07 18.31 -17.33
C ARG A 25 -16.71 18.00 -17.96
N LYS A 26 -16.73 17.38 -19.14
CA LYS A 26 -15.52 16.85 -19.75
C LYS A 26 -14.58 17.96 -20.19
N LEU A 27 -15.11 18.94 -20.92
CA LEU A 27 -14.25 19.97 -21.51
C LEU A 27 -13.51 20.80 -20.45
N PRO A 28 -14.17 21.39 -19.46
CA PRO A 28 -13.41 22.03 -18.41
C PRO A 28 -12.74 21.11 -17.40
N PHE A 29 -13.09 19.82 -17.27
CA PHE A 29 -12.17 18.93 -16.55
C PHE A 29 -10.85 18.80 -17.30
N GLN A 30 -10.92 18.64 -18.62
CA GLN A 30 -9.70 18.57 -19.42
C GLN A 30 -8.90 19.86 -19.32
N ARG A 31 -9.59 21.00 -19.34
CA ARG A 31 -8.91 22.28 -19.16
C ARG A 31 -8.25 22.36 -17.77
N LEU A 32 -8.92 21.87 -16.74
CA LEU A 32 -8.31 21.84 -15.41
C LEU A 32 -7.06 20.96 -15.42
N VAL A 33 -7.12 19.80 -16.08
CA VAL A 33 -5.97 18.90 -16.13
C VAL A 33 -4.81 19.57 -16.83
N ARG A 34 -5.09 20.27 -17.94
CA ARG A 34 -4.03 20.98 -18.66
C ARG A 34 -3.43 22.08 -17.79
N GLU A 35 -4.26 22.83 -17.07
CA GLU A 35 -3.73 23.88 -16.20
C GLU A 35 -2.86 23.31 -15.10
N ILE A 36 -3.23 22.14 -14.57
CA ILE A 36 -2.44 21.51 -13.52
C ILE A 36 -1.10 21.04 -14.08
N ALA A 37 -1.11 20.42 -15.25
CA ALA A 37 0.13 19.95 -15.86
C ALA A 37 1.02 21.08 -16.34
N GLN A 38 0.47 22.28 -16.51
CA GLN A 38 1.25 23.41 -17.01
C GLN A 38 2.48 23.67 -16.15
N ASP A 39 2.32 23.70 -14.83
CA ASP A 39 3.46 24.04 -13.97
C ASP A 39 4.50 22.94 -13.99
N PHE A 40 4.07 21.68 -14.04
CA PHE A 40 5.02 20.57 -14.10
C PHE A 40 5.85 20.63 -15.39
N LYS A 41 5.20 20.89 -16.52
CA LYS A 41 5.95 21.01 -17.76
C LYS A 41 5.20 21.90 -18.74
N THR A 42 5.95 22.67 -19.53
CA THR A 42 5.38 23.58 -20.50
C THR A 42 5.07 22.85 -21.81
N ASP A 43 3.96 23.22 -22.42
CA ASP A 43 3.56 22.74 -23.74
C ASP A 43 3.48 21.21 -23.78
N LEU A 44 2.83 20.63 -22.78
CA LEU A 44 2.59 19.20 -22.76
C LEU A 44 1.48 18.83 -23.73
N ARG A 45 1.53 17.60 -24.22
CA ARG A 45 0.44 17.01 -24.97
C ARG A 45 -0.36 16.09 -24.06
N PHE A 46 -1.52 15.67 -24.53
CA PHE A 46 -2.41 14.84 -23.71
C PHE A 46 -3.23 13.95 -24.63
N GLN A 47 -3.05 12.64 -24.49
CA GLN A 47 -3.91 11.71 -25.20
C GLN A 47 -5.32 11.77 -24.63
N SER A 48 -6.32 11.74 -25.52
CA SER A 48 -7.70 11.79 -25.08
C SER A 48 -8.02 10.64 -24.15
N SER A 49 -7.51 9.45 -24.45
CA SER A 49 -7.62 8.33 -23.52
C SER A 49 -6.96 8.62 -22.18
N ALA A 50 -5.84 9.33 -22.17
CA ALA A 50 -5.18 9.66 -20.92
C ALA A 50 -6.02 10.59 -20.06
N VAL A 51 -6.57 11.65 -20.66
CA VAL A 51 -7.38 12.57 -19.88
C VAL A 51 -8.69 11.94 -19.44
N MET A 52 -9.30 11.08 -20.27
CA MET A 52 -10.44 10.31 -19.84
C MET A 52 -10.10 9.36 -18.71
N ALA A 53 -8.90 8.77 -18.72
CA ALA A 53 -8.44 7.94 -17.61
C ALA A 53 -8.37 8.74 -16.33
N LEU A 54 -7.77 9.93 -16.40
CA LEU A 54 -7.64 10.76 -15.22
C LEU A 54 -9.00 11.15 -14.67
N GLN A 55 -9.95 11.51 -15.54
CA GLN A 55 -11.27 11.87 -15.05
C GLN A 55 -11.99 10.66 -14.44
N GLU A 56 -11.91 9.50 -15.11
CA GLU A 56 -12.57 8.31 -14.60
C GLU A 56 -11.97 7.83 -13.29
N ALA A 57 -10.72 8.18 -12.99
CA ALA A 57 -10.16 7.86 -11.69
C ALA A 57 -10.53 8.91 -10.64
N SER A 58 -10.49 10.19 -11.01
CA SER A 58 -10.77 11.25 -10.05
C SER A 58 -12.23 11.20 -9.59
N GLU A 59 -13.15 10.86 -10.48
CA GLU A 59 -14.55 10.75 -10.10
C GLU A 59 -14.74 9.68 -9.02
N ALA A 60 -14.11 8.52 -9.22
CA ALA A 60 -14.22 7.45 -8.23
C ALA A 60 -13.57 7.84 -6.91
N TYR A 61 -12.43 8.53 -6.99
CA TYR A 61 -11.77 9.01 -5.77
C TYR A 61 -12.69 9.94 -4.99
N LEU A 62 -13.31 10.91 -5.67
CA LEU A 62 -14.19 11.85 -4.99
C LEU A 62 -15.44 11.17 -4.46
N VAL A 63 -15.94 10.16 -5.17
CA VAL A 63 -17.12 9.44 -4.68
C VAL A 63 -16.78 8.66 -3.41
N GLY A 64 -15.60 8.04 -3.37
CA GLY A 64 -15.17 7.42 -2.14
C GLY A 64 -15.00 8.41 -1.00
N LEU A 65 -14.40 9.56 -1.29
CA LEU A 65 -14.25 10.60 -0.28
C LEU A 65 -15.61 11.05 0.23
N PHE A 66 -16.62 11.11 -0.64
CA PHE A 66 -17.94 11.56 -0.25
C PHE A 66 -18.78 10.49 0.42
N GLU A 67 -18.43 9.21 0.28
CA GLU A 67 -19.06 8.21 1.14
C GLU A 67 -18.32 8.01 2.45
N ASP A 68 -17.10 8.52 2.58
CA ASP A 68 -16.42 8.56 3.88
C ASP A 68 -16.78 9.80 4.69
N THR A 69 -16.78 10.98 4.06
CA THR A 69 -17.26 12.19 4.71
C THR A 69 -18.72 12.05 5.13
N ASN A 70 -19.52 11.34 4.33
CA ASN A 70 -20.88 11.04 4.74
C ASN A 70 -20.93 10.22 6.02
N LEU A 71 -20.08 9.20 6.14
CA LEU A 71 -20.05 8.41 7.36
C LEU A 71 -19.62 9.26 8.56
N CYS A 72 -18.67 10.17 8.36
CA CYS A 72 -18.30 11.09 9.43
C CYS A 72 -19.49 11.96 9.84
N ALA A 73 -20.24 12.46 8.86
CA ALA A 73 -21.39 13.31 9.16
C ALA A 73 -22.44 12.54 9.96
N ILE A 74 -22.75 11.31 9.55
CA ILE A 74 -23.65 10.46 10.33
C ILE A 74 -23.10 10.20 11.72
N HIS A 75 -21.79 10.03 11.86
CA HIS A 75 -21.21 9.86 13.19
C HIS A 75 -21.48 11.07 14.08
N ALA A 76 -21.27 12.27 13.55
CA ALA A 76 -21.44 13.47 14.38
C ALA A 76 -22.88 13.95 14.47
N LYS A 77 -23.81 13.05 14.78
CA LYS A 77 -25.23 13.36 15.00
C LYS A 77 -25.76 14.41 14.02
N ARG A 78 -25.65 14.08 12.74
CA ARG A 78 -26.01 15.03 11.69
C ARG A 78 -26.44 14.28 10.44
N VAL A 79 -27.08 15.02 9.53
CA VAL A 79 -27.38 14.52 8.20
C VAL A 79 -26.72 15.36 7.11
N THR A 80 -26.08 16.48 7.46
CA THR A 80 -25.42 17.35 6.50
C THR A 80 -23.92 17.14 6.59
N ILE A 81 -23.30 16.79 5.46
CA ILE A 81 -21.84 16.68 5.42
C ILE A 81 -21.23 18.08 5.53
N MET A 82 -20.08 18.16 6.18
CA MET A 82 -19.48 19.43 6.52
C MET A 82 -17.99 19.42 6.16
N PRO A 83 -17.39 20.60 6.00
CA PRO A 83 -15.94 20.64 5.77
C PRO A 83 -15.16 19.93 6.86
N LYS A 84 -15.57 20.06 8.12
CA LYS A 84 -14.89 19.34 9.19
C LYS A 84 -15.00 17.83 8.99
N ASP A 85 -16.13 17.37 8.43
CA ASP A 85 -16.26 15.97 8.10
C ASP A 85 -15.25 15.56 7.03
N ILE A 86 -15.07 16.41 6.02
CA ILE A 86 -14.07 16.12 4.99
C ILE A 86 -12.68 16.04 5.61
N GLN A 87 -12.34 17.00 6.47
CA GLN A 87 -11.01 17.00 7.08
C GLN A 87 -10.79 15.77 7.94
N LEU A 88 -11.80 15.38 8.74
CA LEU A 88 -11.64 14.19 9.56
C LEU A 88 -11.45 12.95 8.70
N ALA A 89 -12.25 12.81 7.62
CA ALA A 89 -12.12 11.66 6.75
C ALA A 89 -10.72 11.58 6.15
N ARG A 90 -10.19 12.72 5.69
CA ARG A 90 -8.87 12.70 5.10
C ARG A 90 -7.76 12.46 6.13
N ARG A 91 -7.86 13.04 7.33
CA ARG A 91 -6.87 12.76 8.37
C ARG A 91 -6.85 11.28 8.72
N ILE A 92 -8.03 10.67 8.88
CA ILE A 92 -8.06 9.28 9.34
C ILE A 92 -7.71 8.33 8.20
N ARG A 93 -7.92 8.74 6.95
CA ARG A 93 -7.46 7.92 5.84
C ARG A 93 -5.94 8.03 5.65
N GLY A 94 -5.37 9.19 5.96
CA GLY A 94 -3.93 9.34 5.92
C GLY A 94 -3.42 10.17 4.76
N GLU A 95 -4.14 11.23 4.41
CA GLU A 95 -3.75 12.11 3.31
C GLU A 95 -3.01 13.36 3.78
N ARG A 96 -3.13 13.74 5.05
CA ARG A 96 -2.46 14.94 5.55
C ARG A 96 -1.77 14.69 6.89
N ALA A 97 -2.11 13.57 7.53
CA ALA A 97 -1.56 13.20 8.83
C ALA A 97 -1.77 14.31 9.86
N LEU B 2 -6.85 29.95 -18.91
CA LEU B 2 -5.88 29.12 -18.20
C LEU B 2 -5.79 29.52 -16.73
N ARG B 3 -6.77 30.30 -16.27
CA ARG B 3 -6.81 30.79 -14.90
C ARG B 3 -8.09 30.33 -14.23
N ASP B 4 -7.94 29.73 -13.05
CA ASP B 4 -9.06 29.24 -12.24
C ASP B 4 -10.01 28.35 -13.02
N ASN B 5 -9.47 27.35 -13.70
CA ASN B 5 -10.31 26.27 -14.23
C ASN B 5 -10.93 25.43 -13.13
N ILE B 6 -10.45 25.59 -11.89
CA ILE B 6 -11.01 24.85 -10.77
C ILE B 6 -12.48 25.18 -10.58
N GLN B 7 -12.84 26.45 -10.78
CA GLN B 7 -14.24 26.86 -10.71
C GLN B 7 -15.08 26.23 -11.80
N GLY B 8 -14.45 25.65 -12.83
CA GLY B 8 -15.21 24.89 -13.82
C GLY B 8 -15.97 23.74 -13.22
N ILE B 9 -15.44 23.15 -12.14
CA ILE B 9 -16.17 22.16 -11.38
C ILE B 9 -17.23 22.90 -10.60
N THR B 10 -18.44 22.94 -11.13
CA THR B 10 -19.48 23.79 -10.56
C THR B 10 -20.14 23.11 -9.37
N LYS B 11 -20.89 23.91 -8.60
CA LYS B 11 -21.67 23.36 -7.51
C LYS B 11 -22.61 22.24 -7.95
N PRO B 12 -23.32 22.33 -9.08
CA PRO B 12 -24.11 21.18 -9.52
C PRO B 12 -23.29 19.91 -9.72
N ALA B 13 -22.08 20.00 -10.26
CA ALA B 13 -21.30 18.79 -10.50
C ALA B 13 -20.86 18.14 -9.20
N ILE B 14 -20.43 18.94 -8.22
CA ILE B 14 -20.06 18.40 -6.93
C ILE B 14 -21.28 17.82 -6.24
N ARG B 15 -22.46 18.42 -6.43
CA ARG B 15 -23.67 17.82 -5.92
C ARG B 15 -23.98 16.50 -6.60
N ARG B 16 -23.74 16.39 -7.91
CA ARG B 16 -23.89 15.11 -8.60
C ARG B 16 -23.01 14.04 -7.95
N LEU B 17 -21.74 14.36 -7.74
CA LEU B 17 -20.83 13.41 -7.12
C LEU B 17 -21.26 13.07 -5.70
N ALA B 18 -21.72 14.05 -4.93
CA ALA B 18 -22.18 13.78 -3.57
C ALA B 18 -23.38 12.85 -3.57
N ARG B 19 -24.34 13.08 -4.46
CA ARG B 19 -25.50 12.20 -4.55
C ARG B 19 -25.09 10.80 -4.97
N ARG B 20 -24.06 10.69 -5.83
CA ARG B 20 -23.51 9.36 -6.12
C ARG B 20 -22.92 8.74 -4.86
N GLY B 21 -22.27 9.56 -4.02
CA GLY B 21 -21.69 9.09 -2.78
C GLY B 21 -22.65 8.90 -1.64
N GLY B 22 -23.95 9.08 -1.87
CA GLY B 22 -24.93 8.87 -0.83
C GLY B 22 -25.14 10.02 0.12
N VAL B 23 -24.84 11.24 -0.30
CA VAL B 23 -25.01 12.42 0.55
C VAL B 23 -26.41 12.98 0.35
N LYS B 24 -27.13 13.16 1.46
CA LYS B 24 -28.49 13.69 1.41
C LYS B 24 -28.55 15.20 1.55
N ARG B 25 -27.77 15.79 2.46
CA ARG B 25 -27.75 17.23 2.62
C ARG B 25 -26.30 17.71 2.59
N ILE B 26 -26.10 18.87 1.96
CA ILE B 26 -24.76 19.40 1.71
C ILE B 26 -24.69 20.82 2.23
N SER B 27 -23.60 21.14 2.92
CA SER B 27 -23.38 22.49 3.42
C SER B 27 -22.93 23.39 2.26
N GLY B 28 -22.56 24.63 2.57
CA GLY B 28 -22.15 25.57 1.55
C GLY B 28 -20.67 25.65 1.27
N LEU B 29 -19.84 25.08 2.14
CA LEU B 29 -18.39 25.08 1.97
C LEU B 29 -17.86 23.75 1.46
N ILE B 30 -18.72 22.75 1.33
CA ILE B 30 -18.32 21.45 0.82
C ILE B 30 -17.75 21.60 -0.59
N TYR B 31 -18.32 22.49 -1.39
CA TYR B 31 -17.90 22.64 -2.77
C TYR B 31 -16.45 23.13 -2.86
N GLU B 32 -16.12 24.18 -2.11
CA GLU B 32 -14.74 24.66 -2.10
C GLU B 32 -13.78 23.65 -1.48
N GLU B 33 -14.20 22.96 -0.41
CA GLU B 33 -13.35 21.93 0.17
C GLU B 33 -13.02 20.83 -0.85
N THR B 34 -14.04 20.38 -1.59
CA THR B 34 -13.84 19.33 -2.58
C THR B 34 -13.01 19.83 -3.76
N ARG B 35 -13.17 21.11 -4.11
CA ARG B 35 -12.31 21.69 -5.14
C ARG B 35 -10.85 21.63 -4.73
N GLY B 36 -10.55 22.00 -3.48
CA GLY B 36 -9.17 21.88 -3.00
C GLY B 36 -8.69 20.44 -2.99
N VAL B 37 -9.55 19.51 -2.56
CA VAL B 37 -9.16 18.10 -2.50
C VAL B 37 -8.83 17.55 -3.89
N LEU B 38 -9.70 17.81 -4.88
CA LEU B 38 -9.45 17.36 -6.24
C LEU B 38 -8.21 18.01 -6.82
N LYS B 39 -7.99 19.30 -6.53
CA LYS B 39 -6.79 19.95 -7.01
C LYS B 39 -5.53 19.26 -6.49
N VAL B 40 -5.51 18.93 -5.20
CA VAL B 40 -4.34 18.27 -4.63
C VAL B 40 -4.13 16.89 -5.24
N PHE B 41 -5.21 16.10 -5.35
CA PHE B 41 -5.08 14.74 -5.88
C PHE B 41 -4.60 14.78 -7.34
N LEU B 42 -5.17 15.69 -8.13
CA LEU B 42 -4.75 15.81 -9.52
C LEU B 42 -3.31 16.26 -9.61
N GLU B 43 -2.87 17.17 -8.73
CA GLU B 43 -1.47 17.54 -8.70
C GLU B 43 -0.58 16.33 -8.51
N ASN B 44 -0.91 15.47 -7.54
CA ASN B 44 -0.09 14.28 -7.30
C ASN B 44 -0.03 13.38 -8.54
N VAL B 45 -1.21 13.04 -9.10
CA VAL B 45 -1.24 12.07 -10.19
C VAL B 45 -0.57 12.64 -11.44
N ILE B 46 -0.80 13.93 -11.72
CA ILE B 46 -0.17 14.57 -12.87
C ILE B 46 1.33 14.61 -12.69
N ARG B 47 1.80 14.88 -11.47
CA ARG B 47 3.24 14.84 -11.22
C ARG B 47 3.82 13.49 -11.59
N ASP B 48 3.21 12.41 -11.10
CA ASP B 48 3.74 11.08 -11.38
C ASP B 48 3.70 10.76 -12.87
N ALA B 49 2.58 11.05 -13.54
CA ALA B 49 2.46 10.74 -14.96
C ALA B 49 3.43 11.55 -15.81
N VAL B 50 3.60 12.83 -15.47
CA VAL B 50 4.54 13.68 -16.21
C VAL B 50 5.96 13.19 -16.02
N THR B 51 6.30 12.74 -14.80
CA THR B 51 7.64 12.19 -14.59
C THR B 51 7.85 10.92 -15.42
N TYR B 52 6.84 10.05 -15.48
CA TYR B 52 6.91 8.91 -16.39
C TYR B 52 7.17 9.34 -17.83
N THR B 53 6.41 10.32 -18.33
CA THR B 53 6.57 10.78 -19.71
C THR B 53 7.96 11.35 -19.96
N GLU B 54 8.47 12.16 -19.02
CA GLU B 54 9.82 12.69 -19.17
C GLU B 54 10.87 11.58 -19.17
N HIS B 55 10.69 10.54 -18.36
CA HIS B 55 11.61 9.42 -18.42
C HIS B 55 11.57 8.76 -19.79
N ALA B 56 10.38 8.60 -20.36
CA ALA B 56 10.28 8.09 -21.72
C ALA B 56 10.70 9.12 -22.77
N LYS B 57 10.96 10.36 -22.35
CA LYS B 57 11.30 11.49 -23.23
C LYS B 57 10.22 11.78 -24.25
N ARG B 58 9.02 11.26 -24.02
CA ARG B 58 7.88 11.55 -24.88
C ARG B 58 7.40 12.98 -24.67
N LYS B 59 6.66 13.49 -25.65
CA LYS B 59 6.03 14.79 -25.54
C LYS B 59 4.54 14.70 -25.24
N THR B 60 3.97 13.51 -25.28
CA THR B 60 2.56 13.29 -24.98
C THR B 60 2.40 12.53 -23.67
N VAL B 61 1.31 12.81 -22.97
CA VAL B 61 0.90 12.05 -21.80
C VAL B 61 -0.08 10.98 -22.26
N THR B 62 0.25 9.73 -21.98
CA THR B 62 -0.50 8.61 -22.53
C THR B 62 -1.28 7.89 -21.43
N ALA B 63 -2.33 7.18 -21.87
CA ALA B 63 -3.15 6.41 -20.94
C ALA B 63 -2.32 5.41 -20.16
N MET B 64 -1.30 4.82 -20.78
CA MET B 64 -0.49 3.84 -20.06
C MET B 64 0.35 4.52 -18.99
N ASP B 65 0.88 5.70 -19.29
CA ASP B 65 1.57 6.50 -18.28
C ASP B 65 0.64 6.81 -17.11
N VAL B 66 -0.60 7.18 -17.42
CA VAL B 66 -1.56 7.50 -16.36
C VAL B 66 -1.85 6.28 -15.51
N VAL B 67 -2.04 5.12 -16.16
CA VAL B 67 -2.30 3.89 -15.41
C VAL B 67 -1.13 3.54 -14.50
N TYR B 68 0.10 3.64 -15.00
CA TYR B 68 1.27 3.38 -14.17
C TYR B 68 1.40 4.35 -13.00
N ALA B 69 1.18 5.65 -13.28
CA ALA B 69 1.28 6.65 -12.22
C ALA B 69 0.24 6.42 -11.14
N LEU B 70 -0.98 6.07 -11.53
CA LEU B 70 -2.02 5.81 -10.54
C LEU B 70 -1.84 4.46 -9.85
N LYS B 71 -1.19 3.49 -10.50
CA LYS B 71 -0.89 2.23 -9.84
C LYS B 71 0.18 2.42 -8.76
N ARG B 72 1.17 3.28 -9.03
CA ARG B 72 2.20 3.53 -8.03
C ARG B 72 1.66 4.22 -6.79
N GLN B 73 0.48 4.84 -6.88
CA GLN B 73 -0.16 5.51 -5.74
C GLN B 73 -1.24 4.64 -5.10
N GLY B 74 -1.38 3.39 -5.53
CA GLY B 74 -2.38 2.50 -5.01
C GLY B 74 -3.73 2.57 -5.68
N ARG B 75 -3.99 3.61 -6.49
CA ARG B 75 -5.26 3.76 -7.20
C ARG B 75 -5.11 3.16 -8.58
N THR B 76 -5.03 1.82 -8.62
CA THR B 76 -4.82 1.12 -9.88
C THR B 76 -6.03 1.29 -10.79
N LEU B 77 -5.78 1.59 -12.06
CA LEU B 77 -6.81 1.94 -13.03
C LEU B 77 -6.89 0.85 -14.10
N TYR B 78 -8.02 0.16 -14.16
CA TYR B 78 -8.26 -0.85 -15.17
C TYR B 78 -8.94 -0.26 -16.41
N GLY B 79 -9.13 -1.11 -17.42
CA GLY B 79 -9.87 -0.78 -18.61
C GLY B 79 -9.08 -0.04 -19.67
N PHE B 80 -8.07 0.73 -19.27
CA PHE B 80 -7.33 1.60 -20.18
C PHE B 80 -5.89 1.14 -20.33
N GLY B 81 -5.70 -0.16 -20.47
CA GLY B 81 -4.37 -0.75 -20.57
C GLY B 81 -3.93 -1.40 -19.27
N GLY B 82 -2.81 -2.11 -19.36
CA GLY B 82 -2.26 -2.81 -18.21
C GLY B 82 -0.80 -3.16 -18.35
N ARG C 1 33.42 -26.14 12.85
CA ARG C 1 33.40 -25.71 11.46
C ARG C 1 33.19 -24.20 11.37
N LYS C 2 33.47 -23.63 10.20
CA LYS C 2 33.19 -22.22 9.96
C LYS C 2 31.72 -22.04 9.60
N ARG C 3 31.13 -20.96 10.11
CA ARG C 3 29.75 -20.61 9.76
C ARG C 3 29.77 -19.53 8.70
N SER C 4 28.78 -19.55 7.82
CA SER C 4 28.70 -18.58 6.75
C SER C 4 28.63 -17.17 7.32
N ARG C 5 29.65 -16.36 7.03
CA ARG C 5 29.72 -15.02 7.57
C ARG C 5 28.53 -14.19 7.09
N LYS C 6 28.00 -13.38 8.00
CA LYS C 6 26.92 -12.47 7.67
C LYS C 6 27.49 -11.19 7.07
N GLU C 7 26.60 -10.36 6.55
CA GLU C 7 27.00 -9.16 5.83
C GLU C 7 26.04 -8.03 6.18
N SER C 8 26.55 -6.81 6.19
CA SER C 8 25.75 -5.67 6.63
C SER C 8 26.34 -4.38 6.04
N TYR C 9 25.75 -3.25 6.42
CA TYR C 9 26.15 -1.92 5.98
C TYR C 9 26.76 -1.12 7.14
N SER C 10 27.17 -1.82 8.19
CA SER C 10 27.46 -1.18 9.47
C SER C 10 28.70 -0.28 9.39
N VAL C 11 29.72 -0.72 8.67
CA VAL C 11 30.95 0.08 8.60
C VAL C 11 30.68 1.42 7.94
N TYR C 12 29.93 1.41 6.84
CA TYR C 12 29.59 2.64 6.15
C TYR C 12 28.64 3.50 6.97
N VAL C 13 27.72 2.88 7.72
CA VAL C 13 26.87 3.65 8.62
C VAL C 13 27.71 4.33 9.70
N TYR C 14 28.70 3.61 10.23
CA TYR C 14 29.59 4.21 11.22
C TYR C 14 30.37 5.37 10.63
N LYS C 15 30.86 5.22 9.39
CA LYS C 15 31.62 6.31 8.78
C LYS C 15 30.74 7.53 8.56
N VAL C 16 29.52 7.34 8.08
CA VAL C 16 28.64 8.50 7.86
C VAL C 16 28.23 9.12 9.20
N LEU C 17 28.07 8.30 10.25
CA LEU C 17 27.76 8.84 11.56
C LEU C 17 28.91 9.69 12.09
N LYS C 18 30.14 9.19 11.95
CA LYS C 18 31.30 9.95 12.39
C LYS C 18 31.57 11.15 11.51
N GLN C 19 31.02 11.19 10.29
CA GLN C 19 31.12 12.40 9.47
C GLN C 19 30.08 13.44 9.84
N VAL C 20 28.84 13.04 10.10
CA VAL C 20 27.79 14.01 10.39
C VAL C 20 27.86 14.48 11.83
N HIS C 21 27.91 13.55 12.78
CA HIS C 21 28.01 13.90 14.21
C HIS C 21 29.01 12.96 14.86
N PRO C 22 30.27 13.38 14.95
CA PRO C 22 31.33 12.46 15.40
C PRO C 22 31.40 12.31 16.91
N ASP C 23 30.37 12.75 17.62
CA ASP C 23 30.42 12.78 19.08
C ASP C 23 29.36 11.94 19.77
N THR C 24 28.42 11.35 19.03
CA THR C 24 27.29 10.63 19.62
C THR C 24 27.33 9.17 19.18
N GLY C 25 27.18 8.26 20.14
CA GLY C 25 27.24 6.85 19.86
C GLY C 25 25.94 6.34 19.24
N ILE C 26 25.85 5.01 19.17
CA ILE C 26 24.70 4.35 18.55
C ILE C 26 24.57 2.95 19.15
N SER C 27 23.33 2.51 19.30
CA SER C 27 23.05 1.24 19.96
C SER C 27 23.00 0.09 18.95
N SER C 28 22.95 -1.14 19.47
CA SER C 28 22.83 -2.31 18.61
C SER C 28 21.49 -2.31 17.87
N LYS C 29 20.41 -2.00 18.58
CA LYS C 29 19.12 -1.89 17.90
C LYS C 29 19.04 -0.65 17.02
N ALA C 30 19.68 0.45 17.40
CA ALA C 30 19.77 1.65 16.57
C ALA C 30 20.67 1.43 15.37
N MET C 31 21.40 0.32 15.34
CA MET C 31 22.12 -0.16 14.17
C MET C 31 21.28 -1.09 13.32
N GLY C 32 20.55 -2.00 13.94
CA GLY C 32 19.65 -2.86 13.18
C GLY C 32 18.59 -2.07 12.43
N ILE C 33 18.03 -1.04 13.07
CA ILE C 33 17.03 -0.22 12.41
C ILE C 33 17.62 0.48 11.20
N MET C 34 18.84 1.02 11.33
CA MET C 34 19.44 1.72 10.20
C MET C 34 19.81 0.76 9.07
N ASN C 35 20.24 -0.46 9.41
CA ASN C 35 20.45 -1.47 8.38
C ASN C 35 19.16 -1.78 7.63
N SER C 36 18.06 -1.95 8.38
CA SER C 36 16.77 -2.16 7.75
C SER C 36 16.37 -0.99 6.86
N PHE C 37 16.61 0.23 7.32
CA PHE C 37 16.29 1.42 6.55
C PHE C 37 17.04 1.44 5.22
N VAL C 38 18.37 1.27 5.28
CA VAL C 38 19.17 1.37 4.07
C VAL C 38 18.81 0.26 3.09
N ASN C 39 18.65 -0.97 3.56
CA ASN C 39 18.31 -2.06 2.65
C ASN C 39 16.89 -1.96 2.11
N ASP C 40 15.94 -1.46 2.91
CA ASP C 40 14.58 -1.29 2.42
C ASP C 40 14.51 -0.23 1.33
N ILE C 41 15.19 0.90 1.52
CA ILE C 41 15.19 1.93 0.48
C ILE C 41 15.93 1.41 -0.76
N PHE C 42 16.99 0.63 -0.54
CA PHE C 42 17.67 -0.02 -1.66
C PHE C 42 16.70 -0.85 -2.47
N GLU C 43 15.95 -1.73 -1.81
CA GLU C 43 15.00 -2.57 -2.53
C GLU C 43 13.91 -1.75 -3.21
N ARG C 44 13.39 -0.72 -2.55
CA ARG C 44 12.36 0.12 -3.14
C ARG C 44 12.82 0.76 -4.44
N ILE C 45 13.97 1.46 -4.39
CA ILE C 45 14.45 2.14 -5.59
C ILE C 45 14.87 1.16 -6.67
N ALA C 46 15.46 0.02 -6.29
CA ALA C 46 15.81 -0.97 -7.30
C ALA C 46 14.58 -1.49 -8.03
N GLY C 47 13.51 -1.79 -7.28
CA GLY C 47 12.29 -2.24 -7.92
C GLY C 47 11.66 -1.18 -8.81
N GLU C 48 11.68 0.07 -8.34
CA GLU C 48 11.12 1.16 -9.14
C GLU C 48 11.88 1.32 -10.46
N ALA C 49 13.21 1.32 -10.38
CA ALA C 49 14.01 1.43 -11.60
C ALA C 49 13.80 0.22 -12.52
N SER C 50 13.66 -0.97 -11.94
CA SER C 50 13.43 -2.15 -12.75
C SER C 50 12.13 -2.06 -13.52
N ARG C 51 11.04 -1.69 -12.85
CA ARG C 51 9.76 -1.55 -13.54
C ARG C 51 9.81 -0.44 -14.58
N LEU C 52 10.49 0.67 -14.25
CA LEU C 52 10.64 1.76 -15.22
C LEU C 52 11.34 1.28 -16.48
N ALA C 53 12.46 0.55 -16.32
CA ALA C 53 13.19 0.08 -17.48
C ALA C 53 12.39 -0.94 -18.27
N HIS C 54 11.68 -1.84 -17.59
CA HIS C 54 10.89 -2.86 -18.30
C HIS C 54 9.73 -2.23 -19.04
N TYR C 55 9.15 -1.15 -18.52
CA TYR C 55 8.10 -0.44 -19.24
C TYR C 55 8.66 0.33 -20.43
N ASN C 56 9.82 0.98 -20.24
CA ASN C 56 10.46 1.71 -21.32
C ASN C 56 11.14 0.78 -22.33
N LYS C 57 11.31 -0.49 -21.98
CA LYS C 57 12.02 -1.47 -22.80
C LYS C 57 13.47 -1.05 -23.03
N ARG C 58 14.17 -0.82 -21.93
CA ARG C 58 15.61 -0.58 -21.92
C ARG C 58 16.27 -1.65 -21.07
N SER C 59 17.09 -2.49 -21.70
CA SER C 59 17.57 -3.71 -21.07
C SER C 59 18.55 -3.45 -19.93
N THR C 60 19.17 -2.27 -19.85
CA THR C 60 20.15 -1.97 -18.82
C THR C 60 19.62 -0.86 -17.93
N ILE C 61 19.77 -1.03 -16.62
CA ILE C 61 19.39 0.02 -15.67
C ILE C 61 20.52 1.03 -15.60
N THR C 62 20.19 2.30 -15.83
CA THR C 62 21.21 3.34 -15.86
C THR C 62 20.93 4.44 -14.86
N SER C 63 21.78 5.49 -14.89
CA SER C 63 21.56 6.66 -14.07
C SER C 63 20.22 7.34 -14.37
N ARG C 64 19.75 7.26 -15.61
CA ARG C 64 18.43 7.80 -15.95
C ARG C 64 17.32 7.09 -15.16
N GLU C 65 17.32 5.75 -15.20
CA GLU C 65 16.33 5.00 -14.43
C GLU C 65 16.48 5.21 -12.93
N ILE C 66 17.70 5.24 -12.41
CA ILE C 66 17.87 5.47 -10.98
C ILE C 66 17.37 6.86 -10.57
N GLN C 67 17.71 7.89 -11.36
CA GLN C 67 17.26 9.25 -11.05
C GLN C 67 15.74 9.35 -11.10
N THR C 68 15.13 8.77 -12.13
CA THR C 68 13.67 8.87 -12.22
C THR C 68 12.99 8.05 -11.15
N ALA C 69 13.57 6.91 -10.77
CA ALA C 69 13.03 6.13 -9.66
C ALA C 69 13.11 6.91 -8.36
N VAL C 70 14.20 7.64 -8.14
CA VAL C 70 14.30 8.49 -6.96
C VAL C 70 13.24 9.59 -7.00
N ARG C 71 13.08 10.23 -8.17
CA ARG C 71 12.08 11.29 -8.31
C ARG C 71 10.67 10.77 -8.06
N LEU C 72 10.41 9.51 -8.41
CA LEU C 72 9.10 8.92 -8.25
C LEU C 72 8.84 8.35 -6.87
N LEU C 73 9.88 7.94 -6.14
CA LEU C 73 9.71 7.31 -4.84
C LEU C 73 10.04 8.20 -3.66
N LEU C 74 10.69 9.31 -3.88
CA LEU C 74 10.89 10.11 -2.69
C LEU C 74 10.04 11.38 -2.75
N PRO C 75 9.47 11.79 -1.63
CA PRO C 75 8.73 13.07 -1.59
C PRO C 75 9.66 14.24 -1.88
N GLY C 76 9.06 15.37 -2.22
CA GLY C 76 9.72 16.45 -2.93
C GLY C 76 11.14 16.81 -2.58
N GLU C 77 11.39 17.27 -1.34
CA GLU C 77 12.71 17.75 -0.98
C GLU C 77 13.73 16.62 -0.95
N LEU C 78 13.35 15.48 -0.37
CA LEU C 78 14.25 14.33 -0.34
C LEU C 78 14.58 13.87 -1.75
N ALA C 79 13.59 13.83 -2.64
CA ALA C 79 13.83 13.43 -4.02
C ALA C 79 14.78 14.41 -4.70
N LYS C 80 14.56 15.72 -4.51
CA LYS C 80 15.40 16.72 -5.15
C LYS C 80 16.85 16.58 -4.70
N HIS C 81 17.07 16.52 -3.38
CA HIS C 81 18.44 16.45 -2.89
C HIS C 81 19.10 15.11 -3.20
N ALA C 82 18.35 14.01 -3.15
CA ALA C 82 18.90 12.71 -3.51
C ALA C 82 19.33 12.70 -4.97
N VAL C 83 18.50 13.27 -5.86
CA VAL C 83 18.87 13.35 -7.27
C VAL C 83 20.12 14.19 -7.45
N SER C 84 20.19 15.34 -6.76
CA SER C 84 21.36 16.21 -6.89
C SER C 84 22.64 15.50 -6.46
N GLU C 85 22.59 14.85 -5.28
CA GLU C 85 23.79 14.18 -4.78
C GLU C 85 24.18 12.99 -5.65
N GLY C 86 23.20 12.21 -6.10
CA GLY C 86 23.51 11.11 -7.00
C GLY C 86 24.13 11.57 -8.30
N THR C 87 23.62 12.68 -8.85
CA THR C 87 24.19 13.24 -10.07
C THR C 87 25.63 13.68 -9.84
N LYS C 88 25.88 14.39 -8.74
CA LYS C 88 27.24 14.86 -8.50
C LYS C 88 28.20 13.70 -8.22
N ALA C 89 27.70 12.60 -7.67
CA ALA C 89 28.55 11.44 -7.45
C ALA C 89 28.84 10.70 -8.75
N VAL C 90 27.82 10.56 -9.61
CA VAL C 90 28.03 9.88 -10.88
C VAL C 90 28.94 10.70 -11.79
N THR C 91 28.93 12.04 -11.66
CA THR C 91 29.89 12.84 -12.41
C THR C 91 31.33 12.49 -12.01
N LYS C 92 31.60 12.40 -10.71
CA LYS C 92 32.92 12.02 -10.25
C LYS C 92 33.30 10.61 -10.67
N TYR C 93 32.35 9.67 -10.60
CA TYR C 93 32.66 8.32 -11.06
C TYR C 93 33.00 8.30 -12.55
N THR C 94 32.26 9.05 -13.36
CA THR C 94 32.57 9.12 -14.78
C THR C 94 33.93 9.74 -15.01
N SER C 95 34.26 10.78 -14.26
CA SER C 95 35.53 11.47 -14.44
C SER C 95 36.69 10.69 -13.81
N ALA C 96 36.63 10.49 -12.50
CA ALA C 96 37.72 9.81 -11.79
C ALA C 96 37.72 8.32 -12.07
N HIS D 1 -6.60 13.40 50.83
CA HIS D 1 -6.64 14.21 49.62
C HIS D 1 -6.84 13.33 48.39
N ARG D 2 -7.75 13.76 47.51
CA ARG D 2 -8.05 13.05 46.28
C ARG D 2 -7.96 14.01 45.10
N TYR D 3 -7.33 13.55 44.01
CA TYR D 3 -7.19 14.36 42.82
C TYR D 3 -8.52 14.46 42.08
N ARG D 4 -8.70 15.59 41.39
CA ARG D 4 -9.89 15.78 40.58
C ARG D 4 -9.91 14.77 39.45
N PRO D 5 -11.03 14.07 39.21
CA PRO D 5 -11.10 13.10 38.11
C PRO D 5 -10.64 13.67 36.78
N GLY D 6 -9.53 13.13 36.26
CA GLY D 6 -9.02 13.55 34.97
C GLY D 6 -7.55 13.91 34.97
N THR D 7 -7.08 14.54 36.05
CA THR D 7 -5.68 14.96 36.09
C THR D 7 -4.71 13.79 36.14
N VAL D 8 -5.06 12.70 36.82
CA VAL D 8 -4.22 11.50 36.75
C VAL D 8 -4.30 10.85 35.38
N ALA D 9 -5.43 11.01 34.67
CA ALA D 9 -5.48 10.54 33.28
C ALA D 9 -4.50 11.31 32.41
N LEU D 10 -4.45 12.63 32.56
CA LEU D 10 -3.46 13.41 31.83
C LEU D 10 -2.02 13.07 32.25
N ARG D 11 -1.79 12.84 33.53
CA ARG D 11 -0.46 12.43 33.99
C ARG D 11 -0.06 11.10 33.37
N GLU D 12 -1.00 10.15 33.31
CA GLU D 12 -0.74 8.87 32.65
C GLU D 12 -0.40 9.07 31.19
N ILE D 13 -1.17 9.93 30.51
CA ILE D 13 -0.91 10.22 29.09
C ILE D 13 0.50 10.74 28.91
N ARG D 14 0.89 11.72 29.71
CA ARG D 14 2.23 12.30 29.57
C ARG D 14 3.32 11.29 29.89
N ARG D 15 3.18 10.56 30.99
CA ARG D 15 4.19 9.58 31.41
C ARG D 15 4.35 8.48 30.36
N TYR D 16 3.26 8.12 29.70
CA TYR D 16 3.22 6.99 28.78
C TYR D 16 3.51 7.41 27.34
N GLN D 17 3.52 8.71 27.07
CA GLN D 17 4.02 9.22 25.81
C GLN D 17 5.50 9.62 25.88
N LYS D 18 6.01 9.86 27.08
CA LYS D 18 7.44 10.13 27.26
C LYS D 18 8.29 8.86 27.27
N SER D 19 7.68 7.68 27.42
CA SER D 19 8.41 6.44 27.54
C SER D 19 8.33 5.63 26.25
N THR D 20 9.34 4.78 26.05
CA THR D 20 9.43 3.92 24.87
C THR D 20 9.38 2.44 25.24
N GLU D 21 8.89 2.11 26.43
CA GLU D 21 8.86 0.74 26.88
C GLU D 21 7.73 0.00 26.16
N LEU D 22 7.48 -1.24 26.57
CA LEU D 22 6.40 -2.04 26.02
C LEU D 22 5.36 -2.31 27.09
N LEU D 23 4.09 -2.19 26.71
CA LEU D 23 3.00 -2.07 27.67
C LEU D 23 2.27 -3.38 27.95
N ILE D 24 2.15 -4.28 26.97
CA ILE D 24 1.58 -5.58 27.26
C ILE D 24 2.65 -6.49 27.87
N ARG D 25 2.21 -7.40 28.73
CA ARG D 25 3.13 -8.27 29.43
C ARG D 25 3.63 -9.39 28.53
N LYS D 26 4.94 -9.66 28.62
CA LYS D 26 5.60 -10.52 27.65
C LYS D 26 5.06 -11.94 27.69
N LEU D 27 4.87 -12.50 28.88
CA LEU D 27 4.43 -13.90 28.97
C LEU D 27 3.03 -14.12 28.41
N PRO D 28 2.02 -13.32 28.80
CA PRO D 28 0.71 -13.49 28.16
C PRO D 28 0.69 -13.14 26.70
N PHE D 29 1.47 -12.15 26.26
CA PHE D 29 1.53 -11.86 24.83
C PHE D 29 2.11 -13.05 24.06
N GLN D 30 3.17 -13.66 24.58
CA GLN D 30 3.77 -14.82 23.94
C GLN D 30 2.79 -16.00 23.93
N ARG D 31 2.06 -16.19 25.03
CA ARG D 31 1.07 -17.26 25.07
C ARG D 31 0.00 -17.05 24.01
N LEU D 32 -0.48 -15.81 23.87
CA LEU D 32 -1.48 -15.50 22.85
C LEU D 32 -0.94 -15.73 21.45
N VAL D 33 0.31 -15.32 21.21
CA VAL D 33 0.91 -15.49 19.88
C VAL D 33 1.04 -16.96 19.54
N ARG D 34 1.50 -17.77 20.50
CA ARG D 34 1.62 -19.20 20.26
C ARG D 34 0.25 -19.85 20.02
N GLU D 35 -0.77 -19.44 20.79
CA GLU D 35 -2.11 -19.95 20.56
C GLU D 35 -2.57 -19.62 19.14
N ILE D 36 -2.36 -18.38 18.70
CA ILE D 36 -2.80 -17.98 17.37
C ILE D 36 -2.07 -18.78 16.30
N ALA D 37 -0.76 -18.95 16.45
CA ALA D 37 0.01 -19.71 15.47
C ALA D 37 -0.32 -21.20 15.47
N GLN D 38 -0.86 -21.70 16.58
CA GLN D 38 -1.24 -23.12 16.65
C GLN D 38 -2.26 -23.47 15.57
N ASP D 39 -3.22 -22.58 15.32
CA ASP D 39 -4.23 -22.85 14.30
C ASP D 39 -3.59 -22.92 12.91
N PHE D 40 -2.67 -21.99 12.61
CA PHE D 40 -2.04 -21.98 11.29
C PHE D 40 -1.18 -23.22 11.09
N LYS D 41 -0.43 -23.64 12.12
CA LYS D 41 0.39 -24.84 12.00
C LYS D 41 0.61 -25.41 13.39
N THR D 42 0.10 -26.63 13.61
CA THR D 42 0.25 -27.29 14.90
C THR D 42 1.72 -27.60 15.17
N ASP D 43 2.11 -27.47 16.43
CA ASP D 43 3.46 -27.82 16.90
C ASP D 43 4.55 -27.06 16.15
N LEU D 44 4.57 -25.74 16.30
CA LEU D 44 5.60 -24.89 15.72
C LEU D 44 6.56 -24.45 16.81
N ARG D 45 7.67 -23.84 16.41
CA ARG D 45 8.60 -23.20 17.33
C ARG D 45 8.71 -21.74 16.93
N PHE D 46 9.07 -20.90 17.90
CA PHE D 46 8.96 -19.46 17.71
C PHE D 46 10.21 -18.79 18.26
N GLN D 47 10.92 -18.06 17.40
CA GLN D 47 12.14 -17.38 17.81
C GLN D 47 11.81 -16.19 18.69
N SER D 48 12.66 -15.95 19.70
CA SER D 48 12.42 -14.87 20.64
C SER D 48 12.40 -13.52 19.94
N SER D 49 13.32 -13.31 19.01
CA SER D 49 13.29 -12.10 18.20
C SER D 49 12.00 -11.99 17.41
N ALA D 50 11.48 -13.10 16.90
CA ALA D 50 10.24 -13.06 16.14
C ALA D 50 9.07 -12.63 17.02
N VAL D 51 8.95 -13.20 18.22
CA VAL D 51 7.82 -12.84 19.07
C VAL D 51 7.96 -11.40 19.57
N MET D 52 9.17 -10.94 19.86
CA MET D 52 9.37 -9.54 20.22
C MET D 52 9.02 -8.61 19.07
N ALA D 53 9.34 -9.00 17.83
CA ALA D 53 8.94 -8.21 16.67
C ALA D 53 7.43 -8.14 16.56
N LEU D 54 6.74 -9.26 16.80
CA LEU D 54 5.29 -9.24 16.78
C LEU D 54 4.73 -8.28 17.83
N GLN D 55 5.30 -8.27 19.03
CA GLN D 55 4.82 -7.35 20.05
C GLN D 55 5.05 -5.91 19.63
N GLU D 56 6.24 -5.59 19.13
CA GLU D 56 6.55 -4.20 18.78
C GLU D 56 5.80 -3.75 17.53
N ALA D 57 5.24 -4.67 16.76
CA ALA D 57 4.35 -4.28 15.67
C ALA D 57 2.92 -4.08 16.18
N SER D 58 2.42 -5.05 16.96
CA SER D 58 1.03 -5.01 17.41
C SER D 58 0.76 -3.82 18.32
N GLU D 59 1.67 -3.51 19.25
CA GLU D 59 1.43 -2.40 20.15
C GLU D 59 1.44 -1.07 19.41
N ALA D 60 2.33 -0.91 18.44
CA ALA D 60 2.33 0.32 17.63
C ALA D 60 1.04 0.45 16.82
N TYR D 61 0.56 -0.66 16.26
CA TYR D 61 -0.70 -0.62 15.53
C TYR D 61 -1.84 -0.20 16.44
N LEU D 62 -1.87 -0.75 17.66
CA LEU D 62 -2.92 -0.39 18.62
C LEU D 62 -2.84 1.09 18.99
N VAL D 63 -1.63 1.61 19.16
CA VAL D 63 -1.47 3.02 19.49
C VAL D 63 -2.01 3.90 18.38
N GLY D 64 -1.67 3.57 17.13
CA GLY D 64 -2.21 4.34 16.01
C GLY D 64 -3.72 4.28 15.93
N LEU D 65 -4.29 3.09 16.12
CA LEU D 65 -5.73 2.94 16.11
C LEU D 65 -6.38 3.77 17.21
N PHE D 66 -5.79 3.76 18.40
CA PHE D 66 -6.35 4.53 19.50
C PHE D 66 -6.28 6.03 19.23
N GLU D 67 -5.19 6.49 18.62
CA GLU D 67 -5.10 7.90 18.26
C GLU D 67 -6.20 8.30 17.27
N ASP D 68 -6.40 7.50 16.24
CA ASP D 68 -7.45 7.83 15.27
C ASP D 68 -8.85 7.73 15.88
N THR D 69 -9.08 6.76 16.76
CA THR D 69 -10.37 6.67 17.44
C THR D 69 -10.60 7.85 18.37
N ASN D 70 -9.54 8.35 19.01
CA ASN D 70 -9.66 9.56 19.81
C ASN D 70 -10.03 10.75 18.93
N LEU D 71 -9.43 10.84 17.74
CA LEU D 71 -9.83 11.89 16.80
C LEU D 71 -11.30 11.79 16.45
N CYS D 72 -11.80 10.57 16.19
CA CYS D 72 -13.21 10.39 15.90
C CYS D 72 -14.08 10.85 17.07
N ALA D 73 -13.71 10.44 18.29
CA ALA D 73 -14.51 10.80 19.47
C ALA D 73 -14.54 12.30 19.68
N ILE D 74 -13.41 12.98 19.46
CA ILE D 74 -13.39 14.44 19.54
C ILE D 74 -14.29 15.04 18.47
N HIS D 75 -14.27 14.48 17.25
CA HIS D 75 -15.17 14.97 16.21
C HIS D 75 -16.62 14.84 16.63
N ALA D 76 -16.95 13.79 17.37
CA ALA D 76 -18.32 13.59 17.83
C ALA D 76 -18.66 14.49 19.01
N LYS D 77 -17.81 15.48 19.29
CA LYS D 77 -17.99 16.42 20.40
C LYS D 77 -18.07 15.69 21.73
N ARG D 78 -16.96 15.02 22.05
CA ARG D 78 -16.87 14.20 23.25
C ARG D 78 -15.43 14.25 23.76
N VAL D 79 -15.16 13.51 24.83
CA VAL D 79 -13.81 13.27 25.30
C VAL D 79 -13.63 11.77 25.48
N THR D 80 -14.74 11.05 25.60
CA THR D 80 -14.71 9.61 25.80
C THR D 80 -14.77 8.89 24.47
N ILE D 81 -13.83 7.98 24.25
CA ILE D 81 -13.84 7.13 23.07
C ILE D 81 -14.77 5.94 23.31
N MET D 82 -15.24 5.33 22.23
CA MET D 82 -16.30 4.34 22.32
C MET D 82 -16.12 3.31 21.22
N PRO D 83 -16.76 2.14 21.34
CA PRO D 83 -16.73 1.18 20.24
C PRO D 83 -17.25 1.74 18.93
N LYS D 84 -18.20 2.68 18.98
CA LYS D 84 -18.64 3.34 17.76
C LYS D 84 -17.48 4.06 17.09
N ASP D 85 -16.67 4.78 17.88
CA ASP D 85 -15.51 5.46 17.35
C ASP D 85 -14.51 4.46 16.78
N ILE D 86 -14.27 3.36 17.49
CA ILE D 86 -13.33 2.34 17.01
C ILE D 86 -13.80 1.77 15.68
N GLN D 87 -15.08 1.43 15.60
CA GLN D 87 -15.64 0.84 14.38
C GLN D 87 -15.56 1.82 13.22
N LEU D 88 -15.89 3.09 13.46
CA LEU D 88 -15.79 4.08 12.39
C LEU D 88 -14.35 4.23 11.92
N ALA D 89 -13.41 4.26 12.86
CA ALA D 89 -12.01 4.40 12.49
C ALA D 89 -11.56 3.26 11.59
N ARG D 90 -11.88 2.02 11.97
CA ARG D 90 -11.47 0.88 11.16
C ARG D 90 -12.17 0.88 9.80
N ARG D 91 -13.50 1.11 9.81
CA ARG D 91 -14.26 1.08 8.57
C ARG D 91 -13.79 2.16 7.60
N ILE D 92 -13.25 3.26 8.11
CA ILE D 92 -12.74 4.30 7.21
C ILE D 92 -11.35 3.96 6.71
N ARG D 93 -10.44 3.57 7.62
CA ARG D 93 -9.08 3.27 7.16
C ARG D 93 -9.04 2.04 6.27
N GLY D 94 -10.09 1.23 6.26
CA GLY D 94 -10.18 0.12 5.34
C GLY D 94 -9.98 -1.25 5.96
N GLU D 95 -9.96 -1.35 7.28
CA GLU D 95 -9.79 -2.63 7.95
C GLU D 95 -11.15 -3.26 8.23
N VAL E 1 -2.03 -22.58 27.57
CA VAL E 1 -1.27 -22.40 26.33
C VAL E 1 -2.14 -22.85 25.17
N LEU E 2 -3.34 -23.31 25.48
CA LEU E 2 -4.24 -23.82 24.45
C LEU E 2 -5.53 -23.03 24.34
N ARG E 3 -6.01 -22.43 25.42
CA ARG E 3 -7.31 -21.78 25.43
C ARG E 3 -7.32 -20.59 26.39
N ASP E 4 -8.19 -19.64 26.10
CA ASP E 4 -8.43 -18.47 26.95
C ASP E 4 -7.14 -17.70 27.22
N ASN E 5 -6.46 -17.33 26.13
CA ASN E 5 -5.27 -16.52 26.21
C ASN E 5 -5.48 -15.09 25.75
N ILE E 6 -6.60 -14.79 25.10
CA ILE E 6 -6.88 -13.42 24.69
C ILE E 6 -7.09 -12.52 25.90
N GLN E 7 -7.53 -13.09 27.02
CA GLN E 7 -7.67 -12.33 28.27
C GLN E 7 -6.34 -12.21 28.98
N GLY E 8 -5.32 -11.77 28.24
CA GLY E 8 -3.99 -11.55 28.79
C GLY E 8 -3.56 -10.12 28.55
N ILE E 9 -4.17 -9.46 27.56
CA ILE E 9 -3.99 -8.04 27.37
C ILE E 9 -5.01 -7.36 28.27
N THR E 10 -4.64 -7.20 29.54
CA THR E 10 -5.60 -6.84 30.57
C THR E 10 -6.04 -5.39 30.41
N LYS E 11 -7.11 -5.04 31.14
CA LYS E 11 -7.60 -3.67 31.15
C LYS E 11 -6.53 -2.65 31.51
N PRO E 12 -5.66 -2.88 32.51
CA PRO E 12 -4.54 -1.95 32.69
C PRO E 12 -3.65 -1.81 31.48
N ALA E 13 -3.42 -2.90 30.73
CA ALA E 13 -2.54 -2.82 29.56
C ALA E 13 -3.19 -2.04 28.42
N ILE E 14 -4.47 -2.30 28.15
CA ILE E 14 -5.18 -1.53 27.14
C ILE E 14 -5.26 -0.07 27.55
N ARG E 15 -5.44 0.18 28.85
CA ARG E 15 -5.40 1.55 29.35
C ARG E 15 -4.05 2.21 29.13
N ARG E 16 -2.96 1.46 29.33
CA ARG E 16 -1.62 1.96 29.03
C ARG E 16 -1.49 2.33 27.56
N LEU E 17 -1.93 1.44 26.66
CA LEU E 17 -1.83 1.73 25.23
C LEU E 17 -2.66 2.97 24.87
N ALA E 18 -3.87 3.07 25.42
CA ALA E 18 -4.72 4.21 25.11
C ALA E 18 -4.14 5.51 25.65
N ARG E 19 -3.58 5.49 26.87
CA ARG E 19 -2.98 6.70 27.40
C ARG E 19 -1.75 7.10 26.61
N ARG E 20 -1.03 6.12 26.06
CA ARG E 20 -0.01 6.46 25.07
C ARG E 20 -0.64 7.05 23.82
N GLY E 21 -1.87 6.65 23.50
CA GLY E 21 -2.61 7.19 22.37
C GLY E 21 -3.35 8.48 22.61
N GLY E 22 -3.19 9.09 23.80
CA GLY E 22 -3.76 10.39 24.07
C GLY E 22 -5.19 10.40 24.57
N VAL E 23 -5.76 9.25 24.89
CA VAL E 23 -7.16 9.17 25.32
C VAL E 23 -7.24 9.55 26.79
N LYS E 24 -8.17 10.46 27.14
CA LYS E 24 -8.36 10.81 28.54
C LYS E 24 -9.43 9.94 29.19
N ARG E 25 -10.57 9.78 28.54
CA ARG E 25 -11.69 9.02 29.08
C ARG E 25 -11.97 7.82 28.19
N ILE E 26 -12.11 6.65 28.82
CA ILE E 26 -12.21 5.39 28.11
C ILE E 26 -13.49 4.70 28.54
N SER E 27 -14.37 4.41 27.59
CA SER E 27 -15.59 3.67 27.90
C SER E 27 -15.26 2.24 28.30
N GLY E 28 -16.12 1.66 29.13
CA GLY E 28 -15.93 0.29 29.57
C GLY E 28 -16.14 -0.76 28.50
N LEU E 29 -16.62 -0.36 27.33
CA LEU E 29 -16.82 -1.28 26.20
C LEU E 29 -15.66 -1.23 25.22
N ILE E 30 -14.61 -0.47 25.52
CA ILE E 30 -13.48 -0.31 24.60
C ILE E 30 -12.53 -1.50 24.67
N TYR E 31 -12.41 -2.13 25.84
CA TYR E 31 -11.42 -3.18 26.05
C TYR E 31 -11.74 -4.41 25.21
N GLU E 32 -13.00 -4.85 25.22
CA GLU E 32 -13.39 -6.03 24.46
C GLU E 32 -13.39 -5.79 22.96
N GLU E 33 -13.33 -4.52 22.53
CA GLU E 33 -13.17 -4.21 21.11
C GLU E 33 -11.71 -4.18 20.71
N THR E 34 -10.86 -3.58 21.55
CA THR E 34 -9.42 -3.57 21.28
C THR E 34 -8.83 -4.98 21.31
N ARG E 35 -9.31 -5.84 22.21
CA ARG E 35 -8.86 -7.23 22.21
C ARG E 35 -9.16 -7.91 20.88
N GLY E 36 -10.39 -7.75 20.38
CA GLY E 36 -10.74 -8.35 19.11
C GLY E 36 -9.93 -7.79 17.95
N VAL E 37 -9.71 -6.46 17.97
CA VAL E 37 -8.91 -5.85 16.91
C VAL E 37 -7.51 -6.41 16.89
N LEU E 38 -6.89 -6.53 18.07
CA LEU E 38 -5.55 -7.11 18.15
C LEU E 38 -5.55 -8.56 17.69
N LYS E 39 -6.57 -9.32 18.05
CA LYS E 39 -6.65 -10.71 17.63
C LYS E 39 -6.69 -10.83 16.11
N VAL E 40 -7.53 -10.01 15.47
CA VAL E 40 -7.63 -10.07 14.01
C VAL E 40 -6.31 -9.64 13.37
N PHE E 41 -5.68 -8.58 13.88
CA PHE E 41 -4.41 -8.14 13.32
C PHE E 41 -3.34 -9.23 13.45
N LEU E 42 -3.25 -9.86 14.62
CA LEU E 42 -2.27 -10.90 14.83
C LEU E 42 -2.53 -12.10 13.93
N GLU E 43 -3.81 -12.45 13.73
CA GLU E 43 -4.11 -13.49 12.76
C GLU E 43 -3.59 -13.10 11.38
N ASN E 44 -3.89 -11.87 10.96
CA ASN E 44 -3.48 -11.37 9.65
C ASN E 44 -1.97 -11.48 9.44
N VAL E 45 -1.17 -11.20 10.46
CA VAL E 45 0.28 -11.21 10.32
C VAL E 45 0.86 -12.61 10.49
N ILE E 46 0.43 -13.33 11.53
CA ILE E 46 0.99 -14.66 11.82
C ILE E 46 0.64 -15.65 10.71
N ARG E 47 -0.48 -15.47 10.03
CA ARG E 47 -0.78 -16.34 8.90
C ARG E 47 0.32 -16.27 7.85
N ASP E 48 0.69 -15.05 7.44
CA ASP E 48 1.74 -14.88 6.45
C ASP E 48 3.09 -15.37 6.98
N ALA E 49 3.38 -15.10 8.25
CA ALA E 49 4.65 -15.54 8.81
C ALA E 49 4.76 -17.06 8.81
N VAL E 50 3.70 -17.75 9.23
CA VAL E 50 3.70 -19.20 9.24
C VAL E 50 3.77 -19.75 7.83
N THR E 51 3.13 -19.08 6.86
CA THR E 51 3.24 -19.53 5.47
C THR E 51 4.68 -19.44 4.97
N TYR E 52 5.35 -18.32 5.27
CA TYR E 52 6.76 -18.20 4.92
C TYR E 52 7.57 -19.32 5.55
N THR E 53 7.34 -19.60 6.84
CA THR E 53 8.08 -20.64 7.53
C THR E 53 7.87 -22.00 6.89
N GLU E 54 6.61 -22.37 6.61
CA GLU E 54 6.35 -23.70 6.08
C GLU E 54 6.86 -23.83 4.66
N HIS E 55 6.87 -22.75 3.89
CA HIS E 55 7.49 -22.81 2.57
C HIS E 55 8.99 -23.01 2.68
N ALA E 56 9.64 -22.35 3.65
CA ALA E 56 11.09 -22.48 3.75
C ALA E 56 11.56 -23.86 4.22
N LYS E 57 10.65 -24.84 4.33
CA LYS E 57 10.99 -26.19 4.80
C LYS E 57 11.62 -26.13 6.19
N ARG E 58 11.00 -25.35 7.07
CA ARG E 58 11.50 -25.12 8.41
C ARG E 58 10.42 -25.46 9.44
N LYS E 59 10.76 -25.26 10.70
CA LYS E 59 9.84 -25.51 11.81
C LYS E 59 9.78 -24.38 12.81
N THR E 60 10.65 -23.38 12.72
CA THR E 60 10.74 -22.30 13.69
C THR E 60 10.33 -21.00 13.03
N VAL E 61 9.24 -20.41 13.51
CA VAL E 61 8.81 -19.09 13.02
C VAL E 61 9.90 -18.09 13.40
N THR E 62 10.59 -17.55 12.39
CA THR E 62 11.79 -16.76 12.61
C THR E 62 11.47 -15.27 12.53
N ALA E 63 12.38 -14.45 13.04
CA ALA E 63 12.22 -13.01 12.97
C ALA E 63 12.14 -12.53 11.54
N MET E 64 12.93 -13.11 10.65
CA MET E 64 12.86 -12.74 9.24
C MET E 64 11.51 -13.10 8.64
N ASP E 65 10.95 -14.24 9.02
CA ASP E 65 9.61 -14.60 8.56
C ASP E 65 8.57 -13.59 9.04
N VAL E 66 8.65 -13.19 10.31
CA VAL E 66 7.70 -12.21 10.84
C VAL E 66 7.85 -10.87 10.11
N VAL E 67 9.09 -10.47 9.85
CA VAL E 67 9.35 -9.20 9.17
C VAL E 67 8.80 -9.26 7.74
N TYR E 68 8.98 -10.40 7.06
CA TYR E 68 8.38 -10.55 5.73
C TYR E 68 6.87 -10.43 5.79
N ALA E 69 6.26 -11.09 6.78
CA ALA E 69 4.80 -11.06 6.91
C ALA E 69 4.31 -9.64 7.12
N LEU E 70 4.99 -8.88 7.97
CA LEU E 70 4.60 -7.49 8.18
C LEU E 70 4.87 -6.65 6.94
N LYS E 71 5.95 -6.95 6.21
CA LYS E 71 6.29 -6.19 5.01
C LYS E 71 5.23 -6.34 3.94
N ARG E 72 4.65 -7.54 3.81
CA ARG E 72 3.63 -7.75 2.78
C ARG E 72 2.40 -6.89 3.05
N GLN E 73 2.01 -6.74 4.32
CA GLN E 73 0.81 -6.01 4.66
C GLN E 73 1.05 -4.51 4.80
N GLY E 74 2.15 -4.02 4.24
CA GLY E 74 2.48 -2.62 4.41
C GLY E 74 2.77 -2.25 5.86
N ARG E 75 3.43 -3.14 6.59
CA ARG E 75 3.75 -2.91 7.99
C ARG E 75 5.24 -3.10 8.23
N THR E 76 6.06 -2.48 7.39
CA THR E 76 7.52 -2.62 7.49
C THR E 76 7.99 -2.35 8.90
N LEU E 77 8.76 -3.28 9.45
CA LEU E 77 9.23 -3.23 10.83
C LEU E 77 10.75 -3.06 10.82
N TYR E 78 11.24 -2.00 11.44
CA TYR E 78 12.65 -1.68 11.45
C TYR E 78 13.31 -2.19 12.72
N GLY E 79 14.47 -2.84 12.57
CA GLY E 79 15.30 -3.25 13.69
C GLY E 79 15.58 -4.74 13.72
N PHE E 80 14.72 -5.56 13.11
CA PHE E 80 14.82 -7.00 13.21
C PHE E 80 15.33 -7.64 11.93
N GLY E 81 16.02 -6.89 11.09
CA GLY E 81 16.59 -7.39 9.86
C GLY E 81 15.96 -6.73 8.65
N GLY E 82 16.39 -7.15 7.47
CA GLY E 82 15.87 -6.61 6.24
C GLY E 82 16.95 -6.15 5.28
N ARG F 3 4.35 -0.86 -39.65
CA ARG F 3 3.27 -1.71 -39.13
C ARG F 3 3.78 -2.59 -37.99
N SER F 4 3.03 -2.61 -36.89
CA SER F 4 3.41 -3.36 -35.70
C SER F 4 2.21 -4.13 -35.17
N ARG F 5 2.50 -5.21 -34.45
CA ARG F 5 1.47 -6.08 -33.89
C ARG F 5 1.59 -6.10 -32.38
N LYS F 6 0.45 -6.24 -31.70
CA LYS F 6 0.39 -6.30 -30.25
C LYS F 6 -0.20 -7.62 -29.79
N GLU F 7 0.45 -8.22 -28.79
CA GLU F 7 -0.02 -9.47 -28.21
C GLU F 7 -0.84 -9.17 -26.96
N SER F 8 -1.95 -9.90 -26.81
CA SER F 8 -2.84 -9.71 -25.67
C SER F 8 -3.33 -11.08 -25.21
N TYR F 9 -4.21 -11.06 -24.21
CA TYR F 9 -4.81 -12.27 -23.67
C TYR F 9 -6.24 -12.46 -24.16
N SER F 10 -6.62 -11.74 -25.23
CA SER F 10 -8.01 -11.65 -25.65
C SER F 10 -8.51 -12.99 -26.20
N VAL F 11 -7.70 -13.64 -27.03
CA VAL F 11 -8.13 -14.88 -27.66
C VAL F 11 -8.44 -15.94 -26.62
N TYR F 12 -7.74 -15.91 -25.49
CA TYR F 12 -7.94 -16.86 -24.42
C TYR F 12 -9.09 -16.45 -23.50
N VAL F 13 -9.20 -15.16 -23.20
CA VAL F 13 -10.27 -14.69 -22.33
C VAL F 13 -11.63 -14.94 -22.99
N TYR F 14 -11.74 -14.68 -24.28
CA TYR F 14 -13.00 -14.92 -24.97
C TYR F 14 -13.37 -16.39 -24.96
N LYS F 15 -12.38 -17.28 -25.08
CA LYS F 15 -12.67 -18.70 -25.12
C LYS F 15 -13.08 -19.22 -23.75
N VAL F 16 -12.42 -18.76 -22.69
CA VAL F 16 -12.86 -19.20 -21.37
C VAL F 16 -14.25 -18.65 -21.06
N LEU F 17 -14.56 -17.45 -21.58
CA LEU F 17 -15.95 -16.99 -21.50
C LEU F 17 -16.89 -17.93 -22.23
N LYS F 18 -16.57 -18.29 -23.46
CA LYS F 18 -17.46 -19.15 -24.22
C LYS F 18 -17.56 -20.54 -23.64
N GLN F 19 -16.65 -20.91 -22.74
CA GLN F 19 -16.77 -22.16 -22.00
C GLN F 19 -17.58 -22.03 -20.73
N VAL F 20 -17.49 -20.91 -20.01
CA VAL F 20 -18.18 -20.79 -18.72
C VAL F 20 -19.60 -20.26 -18.91
N HIS F 21 -19.77 -19.22 -19.72
CA HIS F 21 -21.07 -18.63 -20.03
C HIS F 21 -21.16 -18.51 -21.55
N PRO F 22 -21.63 -19.55 -22.24
CA PRO F 22 -21.51 -19.59 -23.70
C PRO F 22 -22.57 -18.79 -24.44
N ASP F 23 -23.28 -17.91 -23.74
CA ASP F 23 -24.40 -17.18 -24.34
C ASP F 23 -24.10 -15.73 -24.67
N THR F 24 -23.38 -15.01 -23.82
CA THR F 24 -23.19 -13.58 -23.97
C THR F 24 -21.74 -13.24 -24.25
N GLY F 25 -21.52 -12.06 -24.81
CA GLY F 25 -20.20 -11.61 -25.21
C GLY F 25 -19.62 -10.52 -24.32
N ILE F 26 -18.54 -9.91 -24.80
CA ILE F 26 -17.81 -8.89 -24.07
C ILE F 26 -17.71 -7.63 -24.93
N SER F 27 -17.89 -6.48 -24.31
CA SER F 27 -17.60 -5.22 -24.99
C SER F 27 -16.09 -4.99 -25.03
N SER F 28 -15.68 -4.02 -25.85
CA SER F 28 -14.25 -3.72 -25.98
C SER F 28 -13.68 -3.22 -24.66
N LYS F 29 -14.39 -2.32 -23.98
CA LYS F 29 -13.89 -1.78 -22.72
C LYS F 29 -13.84 -2.84 -21.64
N ALA F 30 -14.86 -3.71 -21.56
CA ALA F 30 -14.85 -4.79 -20.59
C ALA F 30 -13.72 -5.76 -20.88
N MET F 31 -13.44 -6.01 -22.17
CA MET F 31 -12.38 -6.94 -22.52
C MET F 31 -11.02 -6.36 -22.18
N GLY F 32 -10.86 -5.04 -22.35
CA GLY F 32 -9.65 -4.39 -21.87
C GLY F 32 -9.51 -4.45 -20.37
N ILE F 33 -10.63 -4.33 -19.65
CA ILE F 33 -10.60 -4.49 -18.19
C ILE F 33 -10.06 -5.87 -17.83
N MET F 34 -10.58 -6.90 -18.48
CA MET F 34 -10.13 -8.26 -18.20
C MET F 34 -8.66 -8.44 -18.53
N ASN F 35 -8.21 -7.89 -19.67
CA ASN F 35 -6.80 -7.99 -20.02
C ASN F 35 -5.92 -7.32 -18.97
N SER F 36 -6.32 -6.13 -18.50
CA SER F 36 -5.56 -5.47 -17.45
C SER F 36 -5.57 -6.27 -16.15
N PHE F 37 -6.67 -6.96 -15.86
CA PHE F 37 -6.79 -7.73 -14.62
C PHE F 37 -5.86 -8.95 -14.66
N VAL F 38 -5.84 -9.66 -15.78
CA VAL F 38 -5.03 -10.88 -15.89
C VAL F 38 -3.59 -10.50 -16.19
N ASN F 39 -3.35 -9.24 -16.52
CA ASN F 39 -1.98 -8.73 -16.63
C ASN F 39 -1.56 -8.03 -15.33
N ASP F 40 -2.40 -8.11 -14.29
CA ASP F 40 -2.07 -7.53 -13.00
C ASP F 40 -1.85 -8.63 -11.97
N ILE F 41 -2.75 -9.61 -11.93
CA ILE F 41 -2.53 -10.74 -11.03
C ILE F 41 -1.28 -11.51 -11.44
N PHE F 42 -1.04 -11.63 -12.73
CA PHE F 42 0.19 -12.26 -13.21
C PHE F 42 1.43 -11.54 -12.66
N GLU F 43 1.45 -10.22 -12.76
CA GLU F 43 2.58 -9.43 -12.28
C GLU F 43 2.71 -9.47 -10.77
N ARG F 44 1.61 -9.57 -10.04
CA ARG F 44 1.67 -9.78 -8.59
C ARG F 44 2.32 -11.12 -8.24
N ILE F 45 1.80 -12.20 -8.82
CA ILE F 45 2.25 -13.53 -8.43
C ILE F 45 3.68 -13.79 -8.85
N ALA F 46 4.04 -13.46 -10.10
CA ALA F 46 5.40 -13.69 -10.55
C ALA F 46 6.41 -12.93 -9.71
N GLY F 47 6.12 -11.66 -9.44
CA GLY F 47 7.04 -10.85 -8.64
C GLY F 47 7.17 -11.35 -7.21
N GLU F 48 6.06 -11.75 -6.60
CA GLU F 48 6.14 -12.10 -5.18
C GLU F 48 6.77 -13.49 -5.04
N ALA F 49 6.55 -14.39 -6.01
CA ALA F 49 7.29 -15.64 -6.04
C ALA F 49 8.78 -15.40 -6.27
N SER F 50 9.12 -14.40 -7.08
CA SER F 50 10.52 -14.03 -7.25
C SER F 50 11.13 -13.60 -5.93
N ARG F 51 10.40 -12.81 -5.14
CA ARG F 51 10.92 -12.42 -3.84
C ARG F 51 10.98 -13.59 -2.87
N LEU F 52 10.07 -14.56 -2.97
CA LEU F 52 10.20 -15.79 -2.18
C LEU F 52 11.49 -16.52 -2.52
N ALA F 53 11.79 -16.66 -3.81
CA ALA F 53 13.02 -17.30 -4.23
C ALA F 53 14.25 -16.52 -3.76
N HIS F 54 14.16 -15.18 -3.79
CA HIS F 54 15.27 -14.37 -3.30
C HIS F 54 15.50 -14.57 -1.80
N TYR F 55 14.40 -14.63 -1.03
CA TYR F 55 14.53 -14.86 0.41
C TYR F 55 15.14 -16.23 0.69
N ASN F 56 14.68 -17.25 -0.02
CA ASN F 56 15.24 -18.58 0.22
C ASN F 56 16.61 -18.79 -0.39
N LYS F 57 17.25 -17.70 -0.87
CA LYS F 57 18.59 -17.74 -1.42
C LYS F 57 18.69 -18.65 -2.65
N ARG F 58 17.60 -18.75 -3.41
CA ARG F 58 17.60 -19.49 -4.66
C ARG F 58 17.64 -18.52 -5.84
N SER F 59 17.67 -19.10 -7.04
CA SER F 59 17.58 -18.33 -8.29
C SER F 59 16.69 -19.04 -9.31
N THR F 60 15.69 -19.78 -8.82
CA THR F 60 14.81 -20.57 -9.69
C THR F 60 13.39 -20.45 -9.17
N ILE F 61 12.47 -20.02 -10.03
CA ILE F 61 11.06 -19.95 -9.66
C ILE F 61 10.40 -21.28 -9.95
N THR F 62 10.51 -22.21 -9.01
CA THR F 62 9.84 -23.49 -9.13
C THR F 62 8.34 -23.31 -8.91
N SER F 63 7.56 -24.34 -9.25
CA SER F 63 6.12 -24.29 -9.03
C SER F 63 5.76 -24.16 -7.56
N ARG F 64 6.66 -24.53 -6.64
CA ARG F 64 6.40 -24.33 -5.23
C ARG F 64 6.40 -22.84 -4.86
N GLU F 65 7.24 -22.04 -5.52
CA GLU F 65 7.17 -20.59 -5.33
C GLU F 65 5.81 -20.06 -5.76
N ILE F 66 5.27 -20.53 -6.88
CA ILE F 66 3.97 -20.04 -7.33
C ILE F 66 2.87 -20.53 -6.41
N GLN F 67 2.97 -21.77 -5.90
CA GLN F 67 2.02 -22.25 -4.91
C GLN F 67 1.99 -21.33 -3.69
N THR F 68 3.16 -21.03 -3.13
CA THR F 68 3.23 -20.15 -1.98
C THR F 68 2.74 -18.74 -2.34
N ALA F 69 3.03 -18.29 -3.55
CA ALA F 69 2.62 -16.95 -3.97
C ALA F 69 1.11 -16.83 -4.04
N VAL F 70 0.44 -17.84 -4.57
CA VAL F 70 -1.03 -17.85 -4.55
C VAL F 70 -1.52 -17.90 -3.12
N ARG F 71 -0.92 -18.78 -2.30
CA ARG F 71 -1.34 -18.90 -0.90
C ARG F 71 -1.16 -17.61 -0.12
N LEU F 72 -0.27 -16.73 -0.56
CA LEU F 72 -0.04 -15.47 0.12
C LEU F 72 -0.85 -14.31 -0.47
N LEU F 73 -1.05 -14.25 -1.78
CA LEU F 73 -1.77 -13.15 -2.39
C LEU F 73 -3.25 -13.41 -2.58
N LEU F 74 -3.76 -14.58 -2.19
CA LEU F 74 -5.20 -14.75 -2.35
C LEU F 74 -5.87 -14.91 -0.99
N PRO F 75 -7.11 -14.44 -0.86
CA PRO F 75 -7.93 -14.81 0.30
C PRO F 75 -8.06 -16.32 0.43
N GLY F 76 -8.66 -16.75 1.54
CA GLY F 76 -8.73 -18.16 1.87
C GLY F 76 -9.33 -19.08 0.82
N GLU F 77 -10.62 -18.91 0.53
CA GLU F 77 -11.27 -19.77 -0.45
C GLU F 77 -10.72 -19.57 -1.85
N LEU F 78 -10.32 -18.35 -2.20
CA LEU F 78 -9.64 -18.13 -3.47
C LEU F 78 -8.38 -19.00 -3.55
N ALA F 79 -7.63 -19.09 -2.46
CA ALA F 79 -6.45 -19.93 -2.44
C ALA F 79 -6.83 -21.40 -2.57
N LYS F 80 -7.82 -21.85 -1.79
CA LYS F 80 -8.22 -23.25 -1.84
CA LYS F 80 -8.22 -23.26 -1.85
C LYS F 80 -8.68 -23.64 -3.24
N HIS F 81 -9.26 -22.69 -3.98
CA HIS F 81 -9.76 -22.97 -5.31
C HIS F 81 -8.76 -22.62 -6.41
N ALA F 82 -7.63 -22.01 -6.09
CA ALA F 82 -6.58 -21.76 -7.06
C ALA F 82 -5.44 -22.76 -7.00
N VAL F 83 -4.97 -23.12 -5.81
CA VAL F 83 -3.90 -24.11 -5.73
C VAL F 83 -4.41 -25.45 -6.22
N SER F 84 -5.69 -25.74 -5.98
CA SER F 84 -6.29 -26.97 -6.50
C SER F 84 -6.13 -27.06 -8.01
N GLU F 85 -6.52 -26.01 -8.73
CA GLU F 85 -6.39 -26.01 -10.17
C GLU F 85 -4.93 -26.06 -10.60
N GLY F 86 -4.07 -25.31 -9.91
CA GLY F 86 -2.66 -25.31 -10.28
C GLY F 86 -2.01 -26.68 -10.17
N THR F 87 -2.17 -27.32 -9.01
CA THR F 87 -1.64 -28.67 -8.82
C THR F 87 -2.30 -29.70 -9.72
N LYS F 88 -3.61 -29.62 -9.93
CA LYS F 88 -4.28 -30.55 -10.83
C LYS F 88 -3.69 -30.44 -12.23
N ALA F 89 -3.52 -29.20 -12.71
CA ALA F 89 -2.95 -28.99 -14.03
C ALA F 89 -1.50 -29.49 -14.09
N VAL F 90 -0.73 -29.28 -13.03
CA VAL F 90 0.65 -29.73 -13.01
C VAL F 90 0.72 -31.26 -13.12
N THR F 91 -0.12 -31.96 -12.37
CA THR F 91 -0.15 -33.41 -12.47
C THR F 91 -0.61 -33.87 -13.85
N LYS F 92 -1.63 -33.21 -14.40
CA LYS F 92 -2.11 -33.57 -15.74
C LYS F 92 -1.03 -33.36 -16.79
N TYR F 93 -0.19 -32.35 -16.60
CA TYR F 93 0.82 -32.00 -17.59
C TYR F 93 1.79 -33.14 -17.86
N THR F 94 2.12 -33.91 -16.83
CA THR F 94 3.05 -35.04 -16.99
C THR F 94 2.30 -36.36 -17.14
N SER F 95 1.27 -36.58 -16.34
CA SER F 95 0.53 -37.83 -16.38
C SER F 95 -0.53 -37.82 -17.47
N LYS I 1 41.68 3.46 -8.58
CA LYS I 1 41.37 2.95 -7.25
C LYS I 1 39.92 2.48 -7.16
N SER I 2 39.45 2.26 -5.93
CA SER I 2 38.10 1.76 -5.74
C SER I 2 37.07 2.81 -6.14
N ARG I 3 35.89 2.33 -6.55
CA ARG I 3 34.83 3.21 -7.01
C ARG I 3 34.32 4.12 -5.89
N SER I 4 34.22 3.60 -4.66
CA SER I 4 33.78 4.43 -3.54
C SER I 4 34.74 5.58 -3.31
N SER I 5 36.04 5.30 -3.35
CA SER I 5 37.04 6.36 -3.18
C SER I 5 37.02 7.32 -4.37
N ARG I 6 36.68 6.82 -5.55
CA ARG I 6 36.67 7.66 -6.75
C ARG I 6 35.67 8.80 -6.62
N ALA I 7 34.46 8.51 -6.15
CA ALA I 7 33.42 9.52 -6.01
C ALA I 7 33.29 10.07 -4.58
N GLY I 8 34.09 9.57 -3.64
CA GLY I 8 34.00 10.05 -2.27
C GLY I 8 32.87 9.44 -1.48
N LEU I 9 32.11 8.52 -2.07
CA LEU I 9 31.03 7.85 -1.36
C LEU I 9 31.61 6.88 -0.33
N GLN I 10 30.98 6.84 0.84
CA GLN I 10 31.38 5.96 1.92
C GLN I 10 30.82 4.55 1.75
N PHE I 11 30.19 4.28 0.63
CA PHE I 11 29.30 3.15 0.45
C PHE I 11 29.92 2.13 -0.50
N PRO I 12 29.61 0.84 -0.32
CA PRO I 12 30.21 -0.20 -1.15
C PRO I 12 29.63 -0.25 -2.56
N VAL I 13 30.22 0.52 -3.48
CA VAL I 13 29.71 0.58 -4.85
C VAL I 13 29.76 -0.81 -5.49
N GLY I 14 30.86 -1.53 -5.27
CA GLY I 14 30.97 -2.88 -5.83
C GLY I 14 29.95 -3.85 -5.25
N ARG I 15 29.71 -3.77 -3.94
CA ARG I 15 28.70 -4.62 -3.33
C ARG I 15 27.32 -4.28 -3.86
N VAL I 16 27.04 -2.99 -4.08
CA VAL I 16 25.76 -2.59 -4.67
C VAL I 16 25.65 -3.13 -6.09
N HIS I 17 26.76 -3.14 -6.84
CA HIS I 17 26.78 -3.79 -8.14
C HIS I 17 26.39 -5.25 -8.04
N ARG I 18 26.96 -5.96 -7.06
CA ARG I 18 26.60 -7.36 -6.87
C ARG I 18 25.12 -7.52 -6.56
N LEU I 19 24.60 -6.69 -5.66
CA LEU I 19 23.20 -6.84 -5.25
C LEU I 19 22.25 -6.54 -6.41
N LEU I 20 22.59 -5.54 -7.22
CA LEU I 20 21.79 -5.24 -8.40
C LEU I 20 21.85 -6.40 -9.39
N ARG I 21 23.03 -6.98 -9.60
CA ARG I 21 23.16 -8.08 -10.55
C ARG I 21 22.38 -9.31 -10.09
N LYS I 22 22.62 -9.75 -8.86
CA LYS I 22 21.98 -10.96 -8.33
C LYS I 22 20.57 -10.72 -7.83
N GLY I 23 20.12 -9.47 -7.77
CA GLY I 23 18.75 -9.19 -7.38
C GLY I 23 17.73 -9.42 -8.47
N ASN I 24 18.17 -9.77 -9.68
CA ASN I 24 17.27 -9.99 -10.82
C ASN I 24 16.42 -8.76 -11.09
N TYR I 25 17.05 -7.59 -11.01
CA TYR I 25 16.38 -6.33 -11.29
C TYR I 25 16.47 -5.94 -12.76
N ALA I 26 17.47 -6.46 -13.46
CA ALA I 26 17.58 -6.30 -14.91
C ALA I 26 18.62 -7.28 -15.41
N GLU I 27 18.48 -7.69 -16.67
CA GLU I 27 19.47 -8.58 -17.27
C GLU I 27 20.83 -7.91 -17.36
N ARG I 28 20.85 -6.62 -17.68
CA ARG I 28 22.05 -5.81 -17.66
C ARG I 28 21.90 -4.69 -16.64
N VAL I 29 23.00 -4.34 -15.99
CA VAL I 29 23.02 -3.30 -14.98
C VAL I 29 24.12 -2.31 -15.33
N GLY I 30 23.78 -1.03 -15.44
CA GLY I 30 24.73 -0.03 -15.87
C GLY I 30 25.77 0.27 -14.80
N ALA I 31 26.79 1.02 -15.23
CA ALA I 31 27.89 1.40 -14.34
C ALA I 31 27.57 2.62 -13.51
N GLY I 32 26.49 3.34 -13.82
CA GLY I 32 26.05 4.46 -12.99
C GLY I 32 25.05 3.99 -11.96
N ALA I 33 24.49 2.80 -12.20
CA ALA I 33 23.48 2.17 -11.36
C ALA I 33 23.94 2.09 -9.91
N PRO I 34 25.17 1.62 -9.61
CA PRO I 34 25.62 1.64 -8.24
C PRO I 34 26.22 2.93 -7.68
N VAL I 35 26.91 3.77 -8.45
CA VAL I 35 27.37 5.05 -7.91
C VAL I 35 26.20 5.93 -7.51
N TYR I 36 25.24 6.13 -8.42
CA TYR I 36 24.10 6.98 -8.12
C TYR I 36 23.31 6.45 -6.93
N MET I 37 23.12 5.13 -6.89
CA MET I 37 22.24 4.56 -5.88
C MET I 37 22.92 4.55 -4.51
N ALA I 38 24.22 4.28 -4.47
CA ALA I 38 24.97 4.44 -3.24
C ALA I 38 24.98 5.88 -2.75
N ALA I 39 25.08 6.85 -3.67
CA ALA I 39 24.98 8.25 -3.27
C ALA I 39 23.62 8.55 -2.64
N VAL I 40 22.55 8.02 -3.24
CA VAL I 40 21.21 8.26 -2.68
C VAL I 40 21.09 7.68 -1.28
N LEU I 41 21.51 6.42 -1.12
CA LEU I 41 21.45 5.78 0.19
C LEU I 41 22.29 6.53 1.22
N GLU I 42 23.51 6.93 0.84
CA GLU I 42 24.38 7.66 1.75
C GLU I 42 23.80 9.01 2.15
N TYR I 43 23.23 9.76 1.20
CA TYR I 43 22.63 11.03 1.56
C TYR I 43 21.44 10.87 2.50
N LEU I 44 20.57 9.89 2.20
CA LEU I 44 19.39 9.71 3.04
C LEU I 44 19.79 9.27 4.45
N THR I 45 20.78 8.36 4.54
CA THR I 45 21.27 7.95 5.85
C THR I 45 21.91 9.12 6.58
N ALA I 46 22.65 9.96 5.87
CA ALA I 46 23.25 11.13 6.50
C ALA I 46 22.19 12.06 7.08
N GLU I 47 21.11 12.30 6.31
CA GLU I 47 20.05 13.18 6.81
C GLU I 47 19.36 12.59 8.03
N ILE I 48 19.00 11.30 7.97
CA ILE I 48 18.30 10.71 9.11
C ILE I 48 19.22 10.63 10.33
N LEU I 49 20.51 10.35 10.14
CA LEU I 49 21.46 10.35 11.26
C LEU I 49 21.64 11.74 11.84
N GLU I 50 21.69 12.77 10.99
CA GLU I 50 21.77 14.14 11.50
C GLU I 50 20.59 14.45 12.40
N LEU I 51 19.38 14.20 11.91
CA LEU I 51 18.19 14.54 12.70
C LEU I 51 18.07 13.65 13.94
N ALA I 52 18.49 12.39 13.85
CA ALA I 52 18.49 11.49 14.99
C ALA I 52 19.51 11.89 16.06
N GLY I 53 20.69 12.35 15.67
CA GLY I 53 21.66 12.86 16.62
C GLY I 53 21.15 14.11 17.29
N ASN I 54 20.46 14.95 16.52
CA ASN I 54 19.82 16.12 17.12
C ASN I 54 18.78 15.70 18.16
N ALA I 55 17.96 14.71 17.83
CA ALA I 55 16.97 14.20 18.77
C ALA I 55 17.63 13.61 20.02
N ALA I 56 18.76 12.93 19.82
CA ALA I 56 19.50 12.38 20.95
C ALA I 56 20.02 13.50 21.87
N ARG I 57 20.54 14.57 21.27
CA ARG I 57 21.05 15.68 22.07
C ARG I 57 19.91 16.38 22.80
N ASP I 58 18.72 16.39 22.19
CA ASP I 58 17.56 16.97 22.86
C ASP I 58 17.20 16.25 24.16
N ASN I 59 17.65 15.01 24.35
CA ASN I 59 17.40 14.27 25.58
C ASN I 59 18.66 14.07 26.40
N LYS I 60 19.72 14.84 26.11
CA LYS I 60 20.99 14.74 26.81
C LYS I 60 21.53 13.32 26.83
N LYS I 61 21.45 12.63 25.70
CA LYS I 61 21.97 11.28 25.56
C LYS I 61 22.99 11.25 24.42
N THR I 62 24.13 10.61 24.66
CA THR I 62 25.18 10.49 23.66
C THR I 62 25.13 9.16 22.91
N ARG I 63 24.10 8.34 23.15
CA ARG I 63 23.93 7.06 22.49
C ARG I 63 22.62 7.08 21.72
N ILE I 64 22.72 7.16 20.39
CA ILE I 64 21.53 7.15 19.55
C ILE I 64 20.77 5.86 19.74
N ILE I 65 19.45 5.96 19.89
CA ILE I 65 18.60 4.82 20.20
C ILE I 65 17.36 4.84 19.29
N PRO I 66 16.57 3.77 19.28
CA PRO I 66 15.32 3.80 18.48
C PRO I 66 14.40 4.95 18.85
N ARG I 67 14.40 5.37 20.11
CA ARG I 67 13.62 6.54 20.50
C ARG I 67 14.02 7.75 19.67
N HIS I 68 15.31 8.06 19.61
CA HIS I 68 15.75 9.22 18.86
C HIS I 68 15.51 9.05 17.37
N LEU I 69 15.72 7.84 16.84
CA LEU I 69 15.46 7.60 15.42
C LEU I 69 14.01 7.91 15.08
N GLN I 70 13.06 7.34 15.83
CA GLN I 70 11.66 7.56 15.49
C GLN I 70 11.22 8.98 15.83
N LEU I 71 11.84 9.61 16.83
CA LEU I 71 11.55 11.02 17.07
C LEU I 71 11.91 11.86 15.84
N ALA I 72 13.09 11.62 15.27
CA ALA I 72 13.45 12.33 14.04
C ALA I 72 12.47 12.03 12.92
N ILE I 73 12.13 10.75 12.75
CA ILE I 73 11.28 10.35 11.62
C ILE I 73 9.89 10.97 11.73
N ARG I 74 9.29 10.91 12.92
CA ARG I 74 7.93 11.39 13.12
C ARG I 74 7.86 12.87 13.45
N ASN I 75 8.99 13.55 13.64
CA ASN I 75 8.99 14.99 13.79
C ASN I 75 9.26 15.71 12.47
N ASP I 76 10.17 15.19 11.65
CA ASP I 76 10.33 15.76 10.32
C ASP I 76 9.15 15.35 9.45
N GLU I 77 8.46 16.34 8.88
CA GLU I 77 7.26 16.07 8.12
C GLU I 77 7.52 15.20 6.90
N GLU I 78 8.62 15.45 6.20
CA GLU I 78 8.87 14.82 4.92
C GLU I 78 9.26 13.35 5.10
N LEU I 79 10.11 13.05 6.08
CA LEU I 79 10.54 11.68 6.34
C LEU I 79 9.42 10.81 6.89
N ASN I 80 8.48 11.40 7.65
CA ASN I 80 7.30 10.63 8.05
C ASN I 80 6.49 10.21 6.83
N LYS I 81 6.36 11.11 5.85
CA LYS I 81 5.70 10.76 4.60
C LYS I 81 6.44 9.64 3.88
N LEU I 82 7.77 9.72 3.84
CA LEU I 82 8.54 8.68 3.15
C LEU I 82 8.41 7.34 3.86
N LEU I 83 8.41 7.34 5.19
CA LEU I 83 8.34 6.12 6.00
C LEU I 83 7.00 5.96 6.69
N GLY I 84 5.91 6.32 6.02
CA GLY I 84 4.61 6.35 6.68
C GLY I 84 4.17 5.00 7.20
N LYS I 85 4.28 3.96 6.38
CA LYS I 85 3.86 2.62 6.75
C LYS I 85 5.00 1.82 7.36
N VAL I 86 5.98 2.50 7.95
CA VAL I 86 7.15 1.86 8.55
C VAL I 86 7.03 1.97 10.06
N THR I 87 7.22 0.84 10.76
CA THR I 87 7.14 0.79 12.21
C THR I 87 8.54 0.65 12.78
N ILE I 88 8.93 1.58 13.63
CA ILE I 88 10.21 1.52 14.35
C ILE I 88 10.00 0.72 15.62
N ALA I 89 11.00 -0.11 15.96
CA ALA I 89 10.88 -0.99 17.10
C ALA I 89 11.40 -0.29 18.36
N GLN I 90 10.56 -0.26 19.40
CA GLN I 90 10.92 0.30 20.70
C GLN I 90 11.35 1.77 20.56
N GLY I 91 10.47 2.57 19.96
CA GLY I 91 10.78 3.97 19.77
C GLY I 91 9.84 4.92 20.49
N GLY I 92 8.73 4.40 21.00
CA GLY I 92 7.74 5.26 21.62
C GLY I 92 6.74 5.79 20.60
N VAL I 93 6.13 6.93 20.94
CA VAL I 93 5.26 7.68 20.04
C VAL I 93 5.54 9.16 20.24
N LEU I 94 5.12 9.97 19.26
CA LEU I 94 5.27 11.40 19.38
C LEU I 94 4.36 11.94 20.48
N PRO I 95 4.84 12.85 21.32
CA PRO I 95 4.02 13.41 22.40
C PRO I 95 3.02 14.42 21.86
N ASN I 96 1.74 14.04 21.84
CA ASN I 96 0.68 14.95 21.43
C ASN I 96 -0.46 14.91 22.43
N ILE I 97 -1.06 16.07 22.69
CA ILE I 97 -2.26 16.19 23.50
C ILE I 97 -3.22 17.10 22.75
N GLN I 98 -4.41 16.59 22.44
CA GLN I 98 -5.39 17.38 21.73
C GLN I 98 -5.86 18.53 22.62
N ALA I 99 -6.24 19.64 21.97
CA ALA I 99 -6.62 20.84 22.73
C ALA I 99 -7.89 20.62 23.53
N VAL I 100 -8.82 19.81 23.02
CA VAL I 100 -10.08 19.60 23.73
C VAL I 100 -9.85 18.91 25.07
N LEU I 101 -9.00 17.88 25.11
CA LEU I 101 -8.72 17.14 26.34
C LEU I 101 -7.58 17.79 27.13
N LEU I 102 -7.84 19.01 27.58
CA LEU I 102 -6.91 19.76 28.40
C LEU I 102 -7.67 20.49 29.49
N PRO I 103 -7.02 20.77 30.62
CA PRO I 103 -7.69 21.54 31.68
C PRO I 103 -8.08 22.92 31.19
N LYS I 104 -9.25 23.38 31.65
CA LYS I 104 -9.77 24.68 31.23
C LYS I 104 -9.23 25.80 32.11
N SER J 2 0.94 -29.52 -28.13
CA SER J 2 1.54 -28.45 -27.33
C SER J 2 1.30 -28.69 -25.84
N ARG J 3 1.99 -27.92 -25.00
CA ARG J 3 1.86 -28.06 -23.56
C ARG J 3 0.44 -27.71 -23.11
N SER J 4 -0.15 -26.67 -23.70
CA SER J 4 -1.50 -26.27 -23.34
C SER J 4 -2.50 -27.39 -23.63
N SER J 5 -2.38 -28.01 -24.81
CA SER J 5 -3.26 -29.12 -25.16
C SER J 5 -3.02 -30.31 -24.25
N ARG J 6 -1.75 -30.61 -23.94
CA ARG J 6 -1.43 -31.76 -23.11
C ARG J 6 -2.00 -31.60 -21.71
N ALA J 7 -1.87 -30.41 -21.12
CA ALA J 7 -2.32 -30.19 -19.76
C ALA J 7 -3.80 -29.78 -19.68
N GLY J 8 -4.44 -29.49 -20.80
CA GLY J 8 -5.80 -29.02 -20.79
C GLY J 8 -5.97 -27.54 -20.51
N LEU J 9 -4.87 -26.80 -20.37
CA LEU J 9 -4.96 -25.37 -20.07
C LEU J 9 -5.33 -24.60 -21.32
N GLN J 10 -6.15 -23.56 -21.13
CA GLN J 10 -6.59 -22.73 -22.23
C GLN J 10 -5.70 -21.50 -22.42
N PHE J 11 -5.21 -20.93 -21.33
CA PHE J 11 -4.33 -19.79 -21.44
C PHE J 11 -2.98 -20.25 -21.98
N PRO J 12 -2.26 -19.38 -22.66
CA PRO J 12 -1.02 -19.81 -23.39
C PRO J 12 0.14 -20.13 -22.47
N VAL J 13 0.42 -21.42 -22.31
CA VAL J 13 1.50 -21.87 -21.43
C VAL J 13 2.83 -21.33 -21.93
N GLY J 14 3.05 -21.40 -23.24
CA GLY J 14 4.27 -20.85 -23.80
C GLY J 14 4.39 -19.35 -23.58
N ARG J 15 3.29 -18.62 -23.78
CA ARG J 15 3.36 -17.17 -23.63
C ARG J 15 3.66 -16.78 -22.19
N VAL J 16 3.02 -17.44 -21.22
CA VAL J 16 3.32 -17.12 -19.82
C VAL J 16 4.73 -17.56 -19.46
N HIS J 17 5.22 -18.65 -20.05
CA HIS J 17 6.60 -19.06 -19.78
C HIS J 17 7.59 -18.01 -20.29
N ARG J 18 7.38 -17.50 -21.51
CA ARG J 18 8.27 -16.48 -22.03
C ARG J 18 8.14 -15.17 -21.25
N LEU J 19 6.93 -14.85 -20.78
CA LEU J 19 6.76 -13.65 -19.97
C LEU J 19 7.50 -13.78 -18.64
N LEU J 20 7.42 -14.96 -18.01
CA LEU J 20 8.19 -15.21 -16.80
C LEU J 20 9.70 -15.15 -17.04
N ARG J 21 10.16 -15.71 -18.16
CA ARG J 21 11.59 -15.79 -18.43
C ARG J 21 12.20 -14.46 -18.83
N LYS J 22 11.50 -13.67 -19.65
CA LYS J 22 12.06 -12.42 -20.15
C LYS J 22 11.76 -11.22 -19.26
N GLY J 23 10.92 -11.39 -18.24
CA GLY J 23 10.60 -10.30 -17.34
C GLY J 23 11.63 -10.03 -16.27
N ASN J 24 12.72 -10.81 -16.23
CA ASN J 24 13.76 -10.67 -15.23
C ASN J 24 13.20 -10.83 -13.82
N TYR J 25 12.67 -12.02 -13.55
CA TYR J 25 12.19 -12.37 -12.22
C TYR J 25 13.21 -13.20 -11.44
N ALA J 26 13.78 -14.22 -12.09
CA ALA J 26 14.84 -15.03 -11.49
C ALA J 26 15.60 -15.72 -12.61
N GLU J 27 16.75 -16.30 -12.26
CA GLU J 27 17.65 -16.88 -13.25
C GLU J 27 16.98 -18.00 -14.05
N ARG J 28 16.27 -18.88 -13.37
CA ARG J 28 15.67 -20.04 -14.01
C ARG J 28 14.18 -20.11 -13.69
N VAL J 29 13.44 -20.72 -14.60
CA VAL J 29 12.00 -20.91 -14.46
C VAL J 29 11.69 -22.38 -14.63
N GLY J 30 10.87 -22.93 -13.72
CA GLY J 30 10.58 -24.34 -13.74
C GLY J 30 9.61 -24.72 -14.85
N ALA J 31 9.30 -26.02 -14.89
CA ALA J 31 8.40 -26.57 -15.89
C ALA J 31 6.98 -26.74 -15.36
N GLY J 32 6.78 -26.70 -14.05
CA GLY J 32 5.43 -26.69 -13.49
C GLY J 32 4.98 -25.27 -13.24
N ALA J 33 5.93 -24.33 -13.34
CA ALA J 33 5.63 -22.92 -13.14
C ALA J 33 4.63 -22.38 -14.15
N PRO J 34 4.82 -22.53 -15.46
CA PRO J 34 3.80 -22.00 -16.39
C PRO J 34 2.47 -22.73 -16.33
N VAL J 35 2.47 -24.04 -16.11
CA VAL J 35 1.21 -24.76 -15.90
C VAL J 35 0.46 -24.20 -14.72
N TYR J 36 1.15 -24.00 -13.58
CA TYR J 36 0.52 -23.48 -12.38
C TYR J 36 -0.02 -22.08 -12.60
N MET J 37 0.79 -21.20 -13.19
CA MET J 37 0.39 -19.81 -13.35
C MET J 37 -0.77 -19.69 -14.32
N ALA J 38 -0.73 -20.43 -15.43
CA ALA J 38 -1.84 -20.41 -16.39
C ALA J 38 -3.12 -20.95 -15.76
N ALA J 39 -3.03 -22.03 -14.98
CA ALA J 39 -4.23 -22.52 -14.30
C ALA J 39 -4.79 -21.48 -13.35
N VAL J 40 -3.92 -20.79 -12.61
CA VAL J 40 -4.39 -19.79 -11.65
C VAL J 40 -5.12 -18.67 -12.37
N LEU J 41 -4.50 -18.11 -13.42
CA LEU J 41 -5.13 -17.01 -14.14
C LEU J 41 -6.43 -17.45 -14.81
N GLU J 42 -6.44 -18.66 -15.38
CA GLU J 42 -7.66 -19.17 -16.01
C GLU J 42 -8.79 -19.27 -15.02
N TYR J 43 -8.53 -19.88 -13.85
CA TYR J 43 -9.59 -20.01 -12.85
C TYR J 43 -10.07 -18.65 -12.38
N LEU J 44 -9.14 -17.72 -12.14
CA LEU J 44 -9.55 -16.43 -11.57
C LEU J 44 -10.35 -15.60 -12.58
N THR J 45 -9.93 -15.57 -13.84
CA THR J 45 -10.71 -14.85 -14.84
C THR J 45 -12.05 -15.53 -15.11
N ALA J 46 -12.13 -16.86 -15.06
CA ALA J 46 -13.43 -17.53 -15.14
C ALA J 46 -14.31 -17.20 -13.95
N GLU J 47 -13.72 -17.06 -12.76
CA GLU J 47 -14.49 -16.67 -11.59
C GLU J 47 -15.07 -15.28 -11.75
N ILE J 48 -14.29 -14.34 -12.28
CA ILE J 48 -14.82 -13.00 -12.53
C ILE J 48 -15.94 -13.06 -13.56
N LEU J 49 -15.71 -13.81 -14.64
CA LEU J 49 -16.69 -13.89 -15.73
C LEU J 49 -18.01 -14.54 -15.32
N GLU J 50 -17.98 -15.57 -14.48
CA GLU J 50 -19.24 -16.18 -14.05
C GLU J 50 -20.13 -15.16 -13.35
N LEU J 51 -19.55 -14.41 -12.41
CA LEU J 51 -20.33 -13.40 -11.69
C LEU J 51 -20.76 -12.27 -12.61
N ALA J 52 -19.87 -11.82 -13.50
CA ALA J 52 -20.24 -10.73 -14.40
C ALA J 52 -21.37 -11.14 -15.33
N GLY J 53 -21.30 -12.35 -15.88
CA GLY J 53 -22.38 -12.84 -16.72
C GLY J 53 -23.67 -13.04 -15.96
N ASN J 54 -23.59 -13.50 -14.70
CA ASN J 54 -24.79 -13.62 -13.89
C ASN J 54 -25.44 -12.26 -13.66
N ALA J 55 -24.61 -11.25 -13.35
CA ALA J 55 -25.15 -9.90 -13.15
C ALA J 55 -25.78 -9.35 -14.43
N ALA J 56 -25.14 -9.60 -15.58
CA ALA J 56 -25.71 -9.15 -16.84
C ALA J 56 -27.03 -9.85 -17.13
N ARG J 57 -27.10 -11.16 -16.85
CA ARG J 57 -28.33 -11.90 -17.07
C ARG J 57 -29.45 -11.39 -16.18
N ASP J 58 -29.14 -11.07 -14.92
CA ASP J 58 -30.16 -10.58 -14.00
C ASP J 58 -30.77 -9.26 -14.47
N ASN J 59 -30.10 -8.54 -15.36
CA ASN J 59 -30.63 -7.31 -15.94
C ASN J 59 -31.07 -7.50 -17.39
N LYS J 60 -31.19 -8.75 -17.84
CA LYS J 60 -31.63 -9.08 -19.20
C LYS J 60 -30.78 -8.38 -20.25
N LYS J 61 -29.46 -8.44 -20.06
CA LYS J 61 -28.51 -7.86 -20.99
C LYS J 61 -27.48 -8.91 -21.37
N THR J 62 -27.22 -9.06 -22.67
CA THR J 62 -26.32 -10.09 -23.18
C THR J 62 -24.97 -9.53 -23.61
N ARG J 63 -24.52 -8.42 -22.99
CA ARG J 63 -23.24 -7.84 -23.33
C ARG J 63 -22.58 -7.33 -22.06
N ILE J 64 -21.44 -7.93 -21.71
CA ILE J 64 -20.72 -7.55 -20.50
C ILE J 64 -20.12 -6.17 -20.69
N ILE J 65 -20.25 -5.32 -19.68
CA ILE J 65 -19.73 -3.95 -19.75
C ILE J 65 -18.91 -3.70 -18.50
N PRO J 66 -18.04 -2.70 -18.53
CA PRO J 66 -17.26 -2.33 -17.33
C PRO J 66 -18.11 -2.12 -16.10
N ARG J 67 -19.31 -1.57 -16.25
CA ARG J 67 -20.21 -1.43 -15.10
C ARG J 67 -20.56 -2.79 -14.52
N HIS J 68 -20.84 -3.77 -15.38
CA HIS J 68 -21.17 -5.11 -14.89
C HIS J 68 -19.98 -5.73 -14.16
N LEU J 69 -18.78 -5.63 -14.72
CA LEU J 69 -17.62 -6.20 -14.02
C LEU J 69 -17.35 -5.49 -12.70
N GLN J 70 -17.48 -4.16 -12.67
CA GLN J 70 -17.27 -3.42 -11.43
C GLN J 70 -18.30 -3.82 -10.38
N LEU J 71 -19.56 -4.00 -10.79
CA LEU J 71 -20.58 -4.47 -9.86
C LEU J 71 -20.22 -5.84 -9.30
N ALA J 72 -19.78 -6.74 -10.18
CA ALA J 72 -19.38 -8.07 -9.71
C ALA J 72 -18.25 -7.99 -8.68
N ILE J 73 -17.23 -7.18 -8.97
CA ILE J 73 -16.10 -6.99 -8.07
C ILE J 73 -16.58 -6.46 -6.73
N ARG J 74 -17.26 -5.31 -6.75
CA ARG J 74 -17.64 -4.66 -5.50
C ARG J 74 -18.71 -5.42 -4.74
N ASN J 75 -19.38 -6.38 -5.38
CA ASN J 75 -20.41 -7.14 -4.68
C ASN J 75 -19.86 -8.43 -4.08
N ASP J 76 -19.02 -9.16 -4.80
CA ASP J 76 -18.47 -10.40 -4.26
C ASP J 76 -17.46 -10.08 -3.16
N GLU J 77 -17.61 -10.76 -2.01
CA GLU J 77 -16.84 -10.39 -0.83
C GLU J 77 -15.36 -10.66 -1.01
N GLU J 78 -14.99 -11.88 -1.43
CA GLU J 78 -13.58 -12.22 -1.57
C GLU J 78 -12.93 -11.43 -2.70
N LEU J 79 -13.61 -11.33 -3.85
CA LEU J 79 -13.09 -10.55 -4.96
C LEU J 79 -12.98 -9.08 -4.60
N ASN J 80 -13.87 -8.58 -3.74
CA ASN J 80 -13.74 -7.20 -3.28
C ASN J 80 -12.47 -7.01 -2.48
N LYS J 81 -12.15 -7.96 -1.60
CA LYS J 81 -10.91 -7.87 -0.83
C LYS J 81 -9.69 -7.96 -1.73
N LEU J 82 -9.71 -8.88 -2.70
CA LEU J 82 -8.57 -9.04 -3.59
C LEU J 82 -8.35 -7.79 -4.43
N LEU J 83 -9.40 -7.32 -5.11
CA LEU J 83 -9.34 -6.10 -5.89
C LEU J 83 -9.88 -4.93 -5.08
N GLY J 84 -9.26 -4.70 -3.93
CA GLY J 84 -9.77 -3.71 -2.99
C GLY J 84 -9.45 -2.27 -3.35
N LYS J 85 -8.45 -2.04 -4.19
CA LYS J 85 -7.98 -0.69 -4.46
C LYS J 85 -7.75 -0.48 -5.95
N VAL J 86 -8.65 -1.02 -6.78
CA VAL J 86 -8.61 -0.81 -8.22
C VAL J 86 -9.80 0.04 -8.61
N THR J 87 -9.55 1.06 -9.43
CA THR J 87 -10.61 1.96 -9.89
C THR J 87 -11.04 1.56 -11.30
N ILE J 88 -12.01 0.66 -11.35
CA ILE J 88 -12.55 0.20 -12.62
C ILE J 88 -13.17 1.39 -13.34
N ALA J 89 -12.69 1.66 -14.56
CA ALA J 89 -13.27 2.74 -15.35
C ALA J 89 -14.67 2.35 -15.81
N GLN J 90 -15.59 3.33 -15.76
CA GLN J 90 -16.98 3.15 -16.16
C GLN J 90 -17.62 2.02 -15.33
N GLY J 91 -17.63 2.24 -14.02
CA GLY J 91 -18.23 1.29 -13.11
C GLY J 91 -19.28 1.85 -12.17
N GLY J 92 -19.19 3.13 -11.85
CA GLY J 92 -20.08 3.69 -10.84
C GLY J 92 -19.80 3.09 -9.47
N VAL J 93 -20.83 3.11 -8.64
CA VAL J 93 -20.78 2.50 -7.31
C VAL J 93 -22.08 1.77 -7.04
N LEU J 94 -22.05 0.92 -6.02
CA LEU J 94 -23.22 0.12 -5.67
C LEU J 94 -24.30 1.00 -5.06
N PRO J 95 -25.57 0.83 -5.43
CA PRO J 95 -26.65 1.51 -4.71
C PRO J 95 -26.65 1.18 -3.22
N ASN J 96 -26.42 2.19 -2.37
CA ASN J 96 -26.41 1.98 -0.93
C ASN J 96 -26.66 3.31 -0.26
N ILE J 97 -27.76 3.41 0.49
CA ILE J 97 -28.16 4.65 1.15
C ILE J 97 -28.27 4.39 2.65
N GLN J 98 -27.76 5.34 3.43
CA GLN J 98 -27.74 5.18 4.88
C GLN J 98 -29.16 5.24 5.45
N ALA J 99 -29.42 4.40 6.46
CA ALA J 99 -30.76 4.30 7.03
C ALA J 99 -31.20 5.60 7.70
N VAL J 100 -30.26 6.35 8.30
CA VAL J 100 -30.64 7.58 8.99
C VAL J 100 -31.16 8.61 7.99
N LEU J 101 -30.59 8.64 6.79
CA LEU J 101 -31.12 9.46 5.71
C LEU J 101 -32.34 8.84 5.05
N LEU J 102 -32.51 7.52 5.16
CA LEU J 102 -33.75 6.89 4.73
C LEU J 102 -34.89 7.32 5.64
N PRO J 103 -36.07 7.62 5.08
CA PRO J 103 -37.19 8.11 5.91
C PRO J 103 -37.94 6.97 6.61
#